data_6DPX
#
_entry.id   6DPX
#
_cell.length_a   98.018
_cell.length_b   77.697
_cell.length_c   115.945
_cell.angle_alpha   90.000
_cell.angle_beta   113.340
_cell.angle_gamma   90.000
#
_symmetry.space_group_name_H-M   'I 1 2 1'
#
loop_
_entity.id
_entity.type
_entity.pdbx_description
1 polymer Beta-lactamase
2 non-polymer '(3-{[(3-chloro-2-hydroxyphenyl)sulfonyl]amino}phenyl)acetic acid'
3 water water
#
_entity_poly.entity_id   1
_entity_poly.type   'polypeptide(L)'
_entity_poly.pdbx_seq_one_letter_code
;APQQINDIVHRTITPLIEQQKIPGMAVAVIYQGKPYYFTWGYADIAKKQPVTQQTLFELGSVSKTFTGVLGGDAIARGEI
KLSDPTTKYWPELTAKQWNGITLLHLATYTAGGLPLQVPDEVKSSSDLLRFYQNWQPAWAPGTQRLYANSSIGLFGALAV
KPSGLSFEQAMQTRVFQPLKLNHTWINVPPAEEKNYAWGYREGKAVHVSPGALDAEAYGVKSTIEDMARWVQSNLKPLDI
NEKTLQQGIQLAQSRYWQTGDMYQGLGWEMLDWPVNPDSIINGSDNKIALAARPVKAITPPTPAVRASWVHKTGATGGFG
SYVAFIPEKELGIVMLANKNYPNPARVDAAWQILNALQ
;
_entity_poly.pdbx_strand_id   A,B
#
loop_
_chem_comp.id
_chem_comp.type
_chem_comp.name
_chem_comp.formula
H7G non-polymer '(3-{[(3-chloro-2-hydroxyphenyl)sulfonyl]amino}phenyl)acetic acid' 'C14 H12 Cl N O5 S'
#
# COMPACT_ATOMS: atom_id res chain seq x y z
N ALA A 1 -36.26 -0.71 -8.33
CA ALA A 1 -35.04 -1.23 -8.95
C ALA A 1 -35.27 -1.55 -10.43
N PRO A 2 -34.23 -1.42 -11.25
CA PRO A 2 -34.32 -1.88 -12.65
C PRO A 2 -34.85 -3.31 -12.71
N GLN A 3 -35.81 -3.54 -13.61
CA GLN A 3 -36.48 -4.84 -13.65
C GLN A 3 -35.49 -5.98 -13.85
N GLN A 4 -34.37 -5.70 -14.51
CA GLN A 4 -33.36 -6.74 -14.70
C GLN A 4 -32.77 -7.17 -13.37
N ILE A 5 -32.54 -6.22 -12.46
CA ILE A 5 -32.11 -6.60 -11.11
C ILE A 5 -33.20 -7.42 -10.42
N ASN A 6 -34.44 -6.90 -10.41
CA ASN A 6 -35.54 -7.64 -9.80
C ASN A 6 -35.64 -9.04 -10.36
N ASP A 7 -35.63 -9.15 -11.69
CA ASP A 7 -35.78 -10.46 -12.32
C ASP A 7 -34.70 -11.42 -11.84
N ILE A 8 -33.42 -11.02 -11.93
CA ILE A 8 -32.37 -11.98 -11.58
C ILE A 8 -32.42 -12.31 -10.10
N VAL A 9 -32.63 -11.30 -9.23
CA VAL A 9 -32.66 -11.55 -7.79
C VAL A 9 -33.78 -12.52 -7.44
N HIS A 10 -35.01 -12.22 -7.87
CA HIS A 10 -36.14 -13.08 -7.51
C HIS A 10 -35.98 -14.48 -8.08
N ARG A 11 -35.56 -14.59 -9.35
CA ARG A 11 -35.41 -15.92 -9.94
C ARG A 11 -34.30 -16.74 -9.26
N THR A 12 -33.34 -16.09 -8.60
CA THR A 12 -32.26 -16.80 -7.93
C THR A 12 -32.58 -17.09 -6.46
N ILE A 13 -33.14 -16.11 -5.74
CA ILE A 13 -33.26 -16.24 -4.29
C ILE A 13 -34.50 -17.05 -3.91
N THR A 14 -35.60 -16.91 -4.66
CA THR A 14 -36.81 -17.67 -4.33
C THR A 14 -36.55 -19.17 -4.30
N PRO A 15 -35.93 -19.79 -5.31
CA PRO A 15 -35.60 -21.22 -5.19
C PRO A 15 -34.60 -21.54 -4.10
N LEU A 16 -33.62 -20.64 -3.88
CA LEU A 16 -32.66 -20.85 -2.79
C LEU A 16 -33.36 -20.95 -1.46
N ILE A 17 -34.27 -20.01 -1.16
CA ILE A 17 -34.99 -20.01 0.10
C ILE A 17 -35.81 -21.28 0.26
N GLU A 18 -36.42 -21.75 -0.84
CA GLU A 18 -37.22 -22.97 -0.80
C GLU A 18 -36.34 -24.20 -0.60
N GLN A 19 -35.27 -24.33 -1.40
CA GLN A 19 -34.42 -25.51 -1.30
C GLN A 19 -33.73 -25.61 0.07
N GLN A 20 -33.25 -24.48 0.59
CA GLN A 20 -32.49 -24.49 1.83
C GLN A 20 -33.35 -24.32 3.07
N LYS A 21 -34.67 -24.13 2.91
CA LYS A 21 -35.60 -23.93 4.01
C LYS A 21 -35.17 -22.77 4.92
N ILE A 22 -34.91 -21.62 4.31
CA ILE A 22 -34.37 -20.45 5.02
C ILE A 22 -35.55 -19.65 5.58
N PRO A 23 -35.62 -19.41 6.91
CA PRO A 23 -36.78 -18.71 7.45
C PRO A 23 -36.90 -17.27 7.00
N GLY A 24 -35.78 -16.57 6.88
CA GLY A 24 -35.78 -15.17 6.56
C GLY A 24 -34.49 -14.78 5.88
N MET A 25 -34.58 -13.79 5.00
CA MET A 25 -33.42 -13.44 4.19
C MET A 25 -33.51 -11.99 3.77
N ALA A 26 -32.36 -11.33 3.74
CA ALA A 26 -32.24 -9.98 3.18
C ALA A 26 -31.11 -9.96 2.17
N VAL A 27 -31.32 -9.27 1.06
CA VAL A 27 -30.31 -9.17 0.02
C VAL A 27 -30.16 -7.71 -0.37
N ALA A 28 -28.93 -7.27 -0.60
CA ALA A 28 -28.66 -5.98 -1.22
C ALA A 28 -27.81 -6.22 -2.45
N VAL A 29 -28.18 -5.59 -3.56
CA VAL A 29 -27.33 -5.50 -4.74
C VAL A 29 -26.88 -4.05 -4.88
N ILE A 30 -25.58 -3.85 -5.06
CA ILE A 30 -25.05 -2.56 -5.44
C ILE A 30 -24.76 -2.59 -6.93
N TYR A 31 -25.34 -1.66 -7.67
CA TYR A 31 -25.34 -1.70 -9.12
C TYR A 31 -25.17 -0.29 -9.62
N GLN A 32 -24.05 -0.03 -10.30
CA GLN A 32 -23.66 1.32 -10.69
C GLN A 32 -23.72 2.26 -9.48
N GLY A 33 -23.12 1.81 -8.39
CA GLY A 33 -23.04 2.59 -7.16
C GLY A 33 -24.22 2.59 -6.18
N LYS A 34 -25.55 2.49 -6.73
CA LYS A 34 -26.74 2.58 -5.88
C LYS A 34 -27.14 1.21 -5.32
N PRO A 35 -27.71 1.20 -4.11
CA PRO A 35 -28.14 -0.07 -3.50
C PRO A 35 -29.59 -0.38 -3.78
N TYR A 36 -29.89 -1.67 -3.95
CA TYR A 36 -31.24 -2.16 -4.10
C TYR A 36 -31.48 -3.28 -3.11
N TYR A 37 -32.58 -3.20 -2.36
CA TYR A 37 -32.83 -4.08 -1.22
C TYR A 37 -33.99 -5.01 -1.47
N PHE A 38 -33.88 -6.22 -0.91
CA PHE A 38 -34.90 -7.24 -1.04
C PHE A 38 -35.00 -7.98 0.28
N THR A 39 -36.22 -8.33 0.70
CA THR A 39 -36.41 -9.07 1.94
C THR A 39 -37.48 -10.13 1.76
N TRP A 40 -37.31 -11.25 2.48
CA TRP A 40 -38.23 -12.37 2.49
C TRP A 40 -38.36 -12.94 3.89
N GLY A 41 -39.56 -13.39 4.23
CA GLY A 41 -39.68 -14.30 5.35
C GLY A 41 -39.61 -13.63 6.71
N TYR A 42 -39.13 -14.39 7.69
CA TYR A 42 -39.32 -14.09 9.11
C TYR A 42 -38.00 -13.91 9.84
N ALA A 43 -37.89 -12.81 10.57
CA ALA A 43 -36.81 -12.61 11.54
C ALA A 43 -37.08 -13.37 12.83
N ASP A 44 -38.35 -13.59 13.16
CA ASP A 44 -38.76 -14.26 14.39
C ASP A 44 -40.02 -15.04 14.02
N ILE A 45 -39.88 -16.35 13.87
CA ILE A 45 -41.00 -17.19 13.45
C ILE A 45 -42.10 -17.16 14.50
N ALA A 46 -41.71 -17.31 15.77
CA ALA A 46 -42.67 -17.41 16.88
C ALA A 46 -43.52 -16.16 16.99
N LYS A 47 -42.89 -14.99 16.95
CA LYS A 47 -43.59 -13.72 17.09
C LYS A 47 -44.04 -13.14 15.75
N LYS A 48 -43.91 -13.91 14.66
CA LYS A 48 -44.36 -13.52 13.31
C LYS A 48 -43.79 -12.18 12.86
N GLN A 49 -42.54 -11.91 13.21
CA GLN A 49 -41.88 -10.67 12.81
C GLN A 49 -41.22 -10.85 11.47
N PRO A 50 -41.53 -10.04 10.47
CA PRO A 50 -40.90 -10.19 9.16
C PRO A 50 -39.48 -9.64 9.15
N VAL A 51 -38.70 -10.15 8.20
CA VAL A 51 -37.42 -9.51 7.88
C VAL A 51 -37.71 -8.18 7.22
N THR A 52 -37.05 -7.12 7.70
CA THR A 52 -37.13 -5.80 7.07
C THR A 52 -35.71 -5.30 6.81
N GLN A 53 -35.62 -4.09 6.24
CA GLN A 53 -34.31 -3.48 6.00
C GLN A 53 -33.65 -3.05 7.31
N GLN A 54 -34.36 -3.10 8.42
CA GLN A 54 -33.83 -2.76 9.73
C GLN A 54 -33.51 -3.99 10.59
N THR A 55 -33.74 -5.19 10.08
CA THR A 55 -33.44 -6.40 10.84
C THR A 55 -31.94 -6.57 11.01
N LEU A 56 -31.51 -6.88 12.23
CA LEU A 56 -30.11 -7.22 12.50
C LEU A 56 -29.89 -8.71 12.30
N PHE A 57 -28.85 -9.06 11.56
CA PHE A 57 -28.40 -10.44 11.39
C PHE A 57 -27.01 -10.62 11.98
N GLU A 58 -26.72 -11.84 12.45
CA GLU A 58 -25.37 -12.16 12.90
C GLU A 58 -24.48 -12.37 11.68
N LEU A 59 -23.38 -11.63 11.59
CA LEU A 59 -22.50 -11.72 10.42
C LEU A 59 -21.53 -12.88 10.50
N GLY A 60 -21.27 -13.41 11.70
CA GLY A 60 -20.31 -14.49 11.80
C GLY A 60 -18.96 -14.05 11.26
N SER A 61 -18.34 -14.89 10.42
CA SER A 61 -16.99 -14.59 9.94
C SER A 61 -16.91 -13.38 9.02
N VAL A 62 -18.02 -12.88 8.49
CA VAL A 62 -17.92 -11.59 7.81
C VAL A 62 -17.43 -10.51 8.76
N SER A 63 -17.58 -10.72 10.07
CA SER A 63 -16.98 -9.79 11.04
C SER A 63 -15.47 -9.66 10.83
N LYS A 64 -14.83 -10.70 10.28
CA LYS A 64 -13.37 -10.59 10.10
C LYS A 64 -12.99 -9.50 9.11
N THR A 65 -13.89 -9.10 8.20
CA THR A 65 -13.54 -8.00 7.30
C THR A 65 -13.49 -6.67 8.06
N PHE A 66 -14.34 -6.49 9.06
CA PHE A 66 -14.24 -5.30 9.90
C PHE A 66 -12.96 -5.35 10.72
N THR A 67 -12.63 -6.52 11.29
CA THR A 67 -11.39 -6.63 12.05
C THR A 67 -10.19 -6.32 11.16
N GLY A 68 -10.21 -6.79 9.92
CA GLY A 68 -9.07 -6.56 9.04
C GLY A 68 -8.92 -5.09 8.65
N VAL A 69 -10.04 -4.42 8.38
CA VAL A 69 -10.00 -2.98 8.10
C VAL A 69 -9.58 -2.20 9.35
N LEU A 70 -10.10 -2.57 10.53
CA LEU A 70 -9.69 -1.86 11.75
C LEU A 70 -8.19 -2.01 11.99
N GLY A 71 -7.66 -3.23 11.78
CA GLY A 71 -6.21 -3.40 11.82
C GLY A 71 -5.51 -2.56 10.77
N GLY A 72 -6.04 -2.54 9.55
CA GLY A 72 -5.44 -1.71 8.51
C GLY A 72 -5.38 -0.25 8.91
N ASP A 73 -6.44 0.24 9.56
CA ASP A 73 -6.48 1.63 10.01
C ASP A 73 -5.41 1.88 11.06
N ALA A 74 -5.18 0.90 11.95
CA ALA A 74 -4.14 1.06 12.96
C ALA A 74 -2.76 1.12 12.31
N ILE A 75 -2.55 0.35 11.24
CA ILE A 75 -1.30 0.44 10.50
C ILE A 75 -1.14 1.82 9.90
N ALA A 76 -2.16 2.28 9.16
CA ALA A 76 -2.10 3.62 8.56
C ALA A 76 -1.87 4.71 9.61
N ARG A 77 -2.40 4.53 10.81
CA ARG A 77 -2.14 5.50 11.88
C ARG A 77 -0.71 5.43 12.41
N GLY A 78 0.08 4.43 12.00
CA GLY A 78 1.40 4.22 12.57
C GLY A 78 1.42 3.60 13.95
N GLU A 79 0.29 3.08 14.43
CA GLU A 79 0.26 2.47 15.75
C GLU A 79 0.87 1.07 15.77
N ILE A 80 0.77 0.33 14.66
CA ILE A 80 1.33 -1.01 14.53
C ILE A 80 1.93 -1.18 13.15
N LYS A 81 2.76 -2.21 13.00
CA LYS A 81 3.24 -2.65 11.70
C LYS A 81 2.97 -4.14 11.56
N LEU A 82 2.57 -4.56 10.35
CA LEU A 82 2.35 -5.97 10.13
C LEU A 82 3.63 -6.77 10.25
N SER A 83 4.79 -6.11 10.07
CA SER A 83 6.08 -6.76 10.24
C SER A 83 6.51 -6.86 11.70
N ASP A 84 5.78 -6.27 12.64
CA ASP A 84 6.16 -6.36 14.06
C ASP A 84 5.99 -7.78 14.58
N PRO A 85 6.89 -8.25 15.45
CA PRO A 85 6.64 -9.52 16.16
C PRO A 85 5.45 -9.42 17.09
N THR A 86 4.73 -10.54 17.23
CA THR A 86 3.59 -10.59 18.14
C THR A 86 4.01 -10.17 19.54
N THR A 87 5.22 -10.55 19.95
CA THR A 87 5.68 -10.28 21.30
C THR A 87 5.90 -8.79 21.57
N LYS A 88 6.00 -7.96 20.53
CA LYS A 88 6.07 -6.52 20.76
C LYS A 88 4.81 -6.00 21.46
N TYR A 89 3.65 -6.61 21.19
CA TYR A 89 2.40 -6.16 21.80
C TYR A 89 1.91 -7.06 22.92
N TRP A 90 2.50 -8.24 23.10
CA TRP A 90 2.19 -9.13 24.21
C TRP A 90 3.50 -9.70 24.72
N PRO A 91 4.24 -8.93 25.52
CA PRO A 91 5.58 -9.38 25.95
C PRO A 91 5.57 -10.64 26.79
N GLU A 92 4.45 -10.98 27.44
CA GLU A 92 4.37 -12.21 28.22
C GLU A 92 4.34 -13.45 27.35
N LEU A 93 4.24 -13.29 26.03
CA LEU A 93 4.32 -14.40 25.09
C LEU A 93 5.79 -14.78 24.89
N THR A 94 6.36 -15.38 25.93
CA THR A 94 7.79 -15.66 25.93
C THR A 94 8.16 -17.03 25.36
N ALA A 95 7.20 -17.93 25.13
CA ALA A 95 7.56 -19.26 24.65
C ALA A 95 8.24 -19.14 23.28
N LYS A 96 9.21 -20.02 23.05
CA LYS A 96 10.13 -19.88 21.92
C LYS A 96 9.44 -20.06 20.56
N GLN A 97 8.32 -20.76 20.50
CA GLN A 97 7.65 -20.90 19.21
C GLN A 97 7.14 -19.58 18.66
N TRP A 98 7.04 -18.54 19.51
CA TRP A 98 6.54 -17.25 19.05
C TRP A 98 7.61 -16.42 18.37
N ASN A 99 8.88 -16.79 18.51
CA ASN A 99 9.95 -16.16 17.74
C ASN A 99 9.66 -16.26 16.27
N GLY A 100 9.58 -15.13 15.60
CA GLY A 100 9.35 -15.13 14.18
C GLY A 100 7.89 -15.10 13.75
N ILE A 101 6.94 -15.11 14.69
CA ILE A 101 5.53 -14.98 14.32
C ILE A 101 5.14 -13.51 14.44
N THR A 102 4.78 -12.91 13.31
CA THR A 102 4.47 -11.48 13.25
C THR A 102 2.95 -11.25 13.21
N LEU A 103 2.57 -9.98 13.36
CA LEU A 103 1.15 -9.63 13.24
C LEU A 103 0.62 -10.02 11.87
N LEU A 104 1.44 -9.96 10.81
CA LEU A 104 0.96 -10.39 9.50
C LEU A 104 0.53 -11.85 9.52
N HIS A 105 1.32 -12.72 10.15
CA HIS A 105 0.96 -14.14 10.22
C HIS A 105 -0.36 -14.32 10.96
N LEU A 106 -0.55 -13.59 12.07
CA LEU A 106 -1.80 -13.72 12.81
C LEU A 106 -2.98 -13.28 11.96
N ALA A 107 -2.85 -12.14 11.27
CA ALA A 107 -3.96 -11.61 10.50
C ALA A 107 -4.34 -12.49 9.31
N THR A 108 -3.43 -13.34 8.82
CA THR A 108 -3.64 -14.08 7.58
C THR A 108 -3.67 -15.59 7.75
N TYR A 109 -3.78 -16.08 8.99
CA TYR A 109 -3.89 -17.50 9.33
C TYR A 109 -2.63 -18.29 9.00
N THR A 110 -1.48 -17.63 8.93
CA THR A 110 -0.26 -18.31 8.50
C THR A 110 0.77 -18.40 9.63
N ALA A 111 0.34 -18.36 10.89
CA ALA A 111 1.32 -18.43 11.98
C ALA A 111 1.90 -19.85 12.19
N GLY A 112 1.27 -20.88 11.63
CA GLY A 112 1.81 -22.21 11.77
C GLY A 112 0.85 -23.23 12.36
N GLY A 113 -0.44 -23.03 12.16
CA GLY A 113 -1.44 -23.96 12.65
C GLY A 113 -2.15 -23.60 13.93
N LEU A 114 -2.34 -22.31 14.21
CA LEU A 114 -3.23 -21.93 15.28
C LEU A 114 -4.62 -22.50 14.98
N PRO A 115 -5.36 -22.95 16.00
CA PRO A 115 -6.60 -23.70 15.73
C PRO A 115 -7.77 -22.82 15.34
N LEU A 116 -8.71 -23.46 14.64
CA LEU A 116 -9.93 -22.78 14.19
C LEU A 116 -10.67 -22.13 15.37
N GLN A 117 -10.84 -22.87 16.45
CA GLN A 117 -11.61 -22.39 17.59
C GLN A 117 -10.71 -22.18 18.79
N VAL A 118 -10.93 -21.08 19.51
CA VAL A 118 -10.39 -20.97 20.86
C VAL A 118 -11.15 -21.94 21.76
N PRO A 119 -10.46 -22.73 22.58
CA PRO A 119 -11.18 -23.70 23.42
C PRO A 119 -12.17 -23.00 24.35
N ASP A 120 -13.31 -23.66 24.58
CA ASP A 120 -14.31 -23.13 25.50
C ASP A 120 -13.75 -22.90 26.90
N GLU A 121 -12.75 -23.70 27.30
CA GLU A 121 -12.15 -23.58 28.63
C GLU A 121 -11.50 -22.22 28.85
N VAL A 122 -11.22 -21.49 27.78
CA VAL A 122 -10.49 -20.24 27.86
C VAL A 122 -11.48 -19.11 28.13
N LYS A 123 -11.35 -18.47 29.30
CA LYS A 123 -12.19 -17.32 29.65
C LYS A 123 -11.33 -16.08 29.85
N SER A 124 -10.54 -16.03 30.92
CA SER A 124 -9.76 -14.85 31.26
C SER A 124 -8.62 -14.65 30.27
N SER A 125 -8.01 -13.47 30.32
CA SER A 125 -6.82 -13.23 29.52
C SER A 125 -5.62 -14.04 30.02
N SER A 126 -5.63 -14.47 31.28
CA SER A 126 -4.59 -15.39 31.74
C SER A 126 -4.80 -16.79 31.19
N ASP A 127 -6.06 -17.23 31.04
CA ASP A 127 -6.36 -18.46 30.31
C ASP A 127 -5.90 -18.36 28.86
N LEU A 128 -6.11 -17.19 28.25
CA LEU A 128 -5.70 -16.99 26.86
C LEU A 128 -4.18 -17.03 26.74
N LEU A 129 -3.48 -16.35 27.65
CA LEU A 129 -2.02 -16.41 27.65
C LEU A 129 -1.53 -17.84 27.74
N ARG A 130 -2.13 -18.61 28.63
CA ARG A 130 -1.71 -20.00 28.80
C ARG A 130 -1.92 -20.80 27.53
N PHE A 131 -3.08 -20.60 26.89
CA PHE A 131 -3.42 -21.28 25.66
C PHE A 131 -2.36 -21.01 24.58
N TYR A 132 -2.03 -19.75 24.35
CA TYR A 132 -1.06 -19.42 23.30
C TYR A 132 0.36 -19.84 23.68
N GLN A 133 0.71 -19.76 24.97
CA GLN A 133 2.02 -20.21 25.42
C GLN A 133 2.20 -21.69 25.18
N ASN A 134 1.16 -22.48 25.43
CA ASN A 134 1.27 -23.92 25.35
C ASN A 134 1.03 -24.46 23.96
N TRP A 135 0.55 -23.62 23.05
CA TRP A 135 0.26 -24.04 21.68
C TRP A 135 1.54 -24.41 20.95
N GLN A 136 1.54 -25.56 20.27
CA GLN A 136 2.71 -26.00 19.52
C GLN A 136 2.45 -25.94 18.03
N PRO A 137 3.18 -25.10 17.27
CA PRO A 137 2.94 -25.02 15.83
C PRO A 137 3.30 -26.30 15.11
N ALA A 138 2.49 -26.63 14.11
CA ALA A 138 2.78 -27.77 13.25
C ALA A 138 3.77 -27.41 12.16
N TRP A 139 3.82 -26.12 11.80
CA TRP A 139 4.62 -25.66 10.67
C TRP A 139 5.33 -24.37 11.05
N ALA A 140 6.43 -24.09 10.34
CA ALA A 140 7.09 -22.80 10.46
C ALA A 140 6.12 -21.68 10.04
N PRO A 141 6.35 -20.45 10.51
CA PRO A 141 5.50 -19.33 10.12
C PRO A 141 5.57 -19.08 8.62
N GLY A 142 4.45 -18.61 8.06
CA GLY A 142 4.44 -18.20 6.69
C GLY A 142 4.62 -19.31 5.68
N THR A 143 4.26 -20.53 6.04
CA THR A 143 4.37 -21.65 5.13
C THR A 143 3.03 -22.30 4.82
N GLN A 144 2.10 -22.36 5.77
CA GLN A 144 0.78 -22.92 5.48
C GLN A 144 -0.32 -22.05 6.09
N ARG A 145 -1.47 -22.03 5.40
CA ARG A 145 -2.67 -21.31 5.86
C ARG A 145 -3.65 -22.31 6.48
N LEU A 146 -4.13 -21.98 7.68
CA LEU A 146 -5.18 -22.75 8.33
C LEU A 146 -6.13 -21.73 8.94
N TYR A 147 -7.29 -21.56 8.32
CA TYR A 147 -8.30 -20.60 8.78
C TYR A 147 -8.56 -20.78 10.26
N ALA A 148 -8.51 -19.68 11.01
CA ALA A 148 -8.45 -19.81 12.47
C ALA A 148 -8.98 -18.57 13.17
N ASN A 149 -9.98 -18.73 14.02
CA ASN A 149 -10.40 -17.61 14.87
C ASN A 149 -9.33 -17.25 15.89
N SER A 150 -8.57 -18.23 16.37
CA SER A 150 -7.51 -17.93 17.34
C SER A 150 -6.37 -17.15 16.71
N SER A 151 -6.31 -17.09 15.39
CA SER A 151 -5.25 -16.35 14.70
C SER A 151 -5.69 -14.91 14.45
N ILE A 152 -6.74 -14.71 13.64
CA ILE A 152 -7.15 -13.34 13.36
C ILE A 152 -7.78 -12.69 14.58
N GLY A 153 -8.36 -13.47 15.49
CA GLY A 153 -8.89 -12.89 16.71
C GLY A 153 -7.79 -12.26 17.55
N LEU A 154 -6.65 -12.95 17.66
CA LEU A 154 -5.54 -12.36 18.41
C LEU A 154 -4.98 -11.12 17.71
N PHE A 155 -4.90 -11.17 16.38
CA PHE A 155 -4.50 -9.97 15.62
C PHE A 155 -5.37 -8.77 15.97
N GLY A 156 -6.69 -8.96 16.00
CA GLY A 156 -7.59 -7.85 16.31
C GLY A 156 -7.36 -7.32 17.72
N ALA A 157 -7.23 -8.23 18.68
CA ALA A 157 -7.00 -7.79 20.06
C ALA A 157 -5.69 -7.04 20.21
N LEU A 158 -4.63 -7.50 19.53
CA LEU A 158 -3.34 -6.83 19.70
C LEU A 158 -3.27 -5.53 18.92
N ALA A 159 -3.93 -5.48 17.75
CA ALA A 159 -3.83 -4.29 16.90
C ALA A 159 -4.38 -3.04 17.58
N VAL A 160 -5.35 -3.18 18.50
CA VAL A 160 -5.89 -1.99 19.14
C VAL A 160 -5.20 -1.66 20.47
N LYS A 161 -4.14 -2.40 20.85
CA LYS A 161 -3.56 -2.13 22.16
C LYS A 161 -2.87 -0.77 22.25
N PRO A 162 -2.11 -0.32 21.24
CA PRO A 162 -1.53 1.03 21.36
C PRO A 162 -2.57 2.15 21.47
N SER A 163 -3.76 1.98 20.88
CA SER A 163 -4.78 3.01 20.97
C SER A 163 -5.30 3.20 22.39
N GLY A 164 -5.08 2.23 23.28
CA GLY A 164 -5.66 2.25 24.60
C GLY A 164 -7.16 1.96 24.66
N LEU A 165 -7.81 1.81 23.52
CA LEU A 165 -9.25 1.59 23.49
C LEU A 165 -9.56 0.10 23.54
N SER A 166 -10.75 -0.22 24.05
CA SER A 166 -11.22 -1.58 23.90
C SER A 166 -11.43 -1.87 22.42
N PHE A 167 -11.45 -3.15 22.06
CA PHE A 167 -11.69 -3.50 20.66
C PHE A 167 -13.03 -2.95 20.18
N GLU A 168 -14.08 -3.12 20.99
CA GLU A 168 -15.39 -2.58 20.62
C GLU A 168 -15.35 -1.07 20.43
N GLN A 169 -14.67 -0.36 21.34
CA GLN A 169 -14.62 1.10 21.25
C GLN A 169 -13.80 1.56 20.06
N ALA A 170 -12.67 0.90 19.78
CA ALA A 170 -11.94 1.25 18.57
C ALA A 170 -12.79 1.02 17.32
N MET A 171 -13.48 -0.12 17.26
CA MET A 171 -14.31 -0.41 16.09
C MET A 171 -15.41 0.63 15.90
N GLN A 172 -16.11 0.99 16.99
CA GLN A 172 -17.15 2.01 16.90
C GLN A 172 -16.59 3.34 16.42
N THR A 173 -15.54 3.84 17.07
CA THR A 173 -15.07 5.19 16.79
C THR A 173 -14.27 5.28 15.50
N ARG A 174 -13.53 4.22 15.12
CA ARG A 174 -12.68 4.31 13.95
C ARG A 174 -13.28 3.71 12.69
N VAL A 175 -14.27 2.82 12.80
CA VAL A 175 -14.85 2.20 11.60
C VAL A 175 -16.34 2.51 11.47
N PHE A 176 -17.14 2.14 12.48
CA PHE A 176 -18.60 2.23 12.34
C PHE A 176 -19.05 3.69 12.20
N GLN A 177 -18.62 4.55 13.12
CA GLN A 177 -19.10 5.93 13.14
C GLN A 177 -18.66 6.72 11.91
N PRO A 178 -17.38 6.71 11.49
CA PRO A 178 -17.02 7.42 10.24
C PRO A 178 -17.79 6.95 9.01
N LEU A 179 -18.11 5.66 8.92
CA LEU A 179 -18.84 5.14 7.76
C LEU A 179 -20.36 5.24 7.92
N LYS A 180 -20.83 5.77 9.04
CA LYS A 180 -22.25 5.92 9.34
C LYS A 180 -22.95 4.56 9.35
N LEU A 181 -22.27 3.58 9.94
CA LEU A 181 -22.86 2.27 10.21
C LEU A 181 -23.49 2.37 11.59
N ASN A 182 -24.65 3.03 11.63
CA ASN A 182 -25.30 3.37 12.89
C ASN A 182 -26.23 2.28 13.38
N HIS A 183 -26.33 1.17 12.66
CA HIS A 183 -27.09 0.02 13.10
C HIS A 183 -26.26 -1.24 12.97
N THR A 184 -25.00 -1.10 13.35
CA THR A 184 -24.01 -2.17 13.32
C THR A 184 -23.38 -2.23 14.71
N TRP A 185 -23.34 -3.43 15.29
CA TRP A 185 -23.04 -3.59 16.72
C TRP A 185 -22.18 -4.82 16.95
N ILE A 186 -21.27 -4.70 17.92
CA ILE A 186 -20.62 -5.88 18.51
C ILE A 186 -21.52 -6.47 19.59
N ASN A 187 -22.09 -5.61 20.43
CA ASN A 187 -23.08 -5.98 21.43
C ASN A 187 -24.37 -5.24 21.12
N VAL A 188 -25.45 -5.99 20.89
CA VAL A 188 -26.71 -5.35 20.48
C VAL A 188 -27.32 -4.62 21.66
N PRO A 189 -27.54 -3.30 21.57
CA PRO A 189 -28.10 -2.57 22.71
C PRO A 189 -29.54 -2.96 22.95
N PRO A 190 -30.03 -2.85 24.20
CA PRO A 190 -31.45 -3.12 24.48
C PRO A 190 -32.42 -2.38 23.57
N ALA A 191 -32.11 -1.13 23.21
CA ALA A 191 -32.98 -0.36 22.32
C ALA A 191 -33.14 -0.99 20.95
N GLU A 192 -32.19 -1.81 20.51
CA GLU A 192 -32.25 -2.40 19.17
C GLU A 192 -32.68 -3.85 19.18
N GLU A 193 -32.95 -4.43 20.36
CA GLU A 193 -33.31 -5.84 20.44
C GLU A 193 -34.57 -6.17 19.66
N LYS A 194 -35.51 -5.24 19.54
CA LYS A 194 -36.70 -5.50 18.74
C LYS A 194 -36.37 -5.81 17.27
N ASN A 195 -35.19 -5.41 16.79
CA ASN A 195 -34.79 -5.64 15.42
C ASN A 195 -33.85 -6.84 15.25
N TYR A 196 -33.46 -7.49 16.33
CA TYR A 196 -32.45 -8.55 16.29
C TYR A 196 -33.13 -9.86 15.89
N ALA A 197 -32.87 -10.33 14.68
CA ALA A 197 -33.46 -11.60 14.26
C ALA A 197 -32.98 -12.74 15.15
N TRP A 198 -33.81 -13.79 15.25
CA TRP A 198 -33.35 -15.06 15.80
C TRP A 198 -32.69 -15.88 14.70
N GLY A 199 -31.64 -16.60 15.05
CA GLY A 199 -31.11 -17.62 14.17
C GLY A 199 -31.84 -18.93 14.39
N TYR A 200 -31.80 -19.80 13.39
CA TYR A 200 -32.51 -21.08 13.47
C TYR A 200 -31.56 -22.21 13.15
N ARG A 201 -31.40 -23.11 14.11
CA ARG A 201 -30.57 -24.30 13.98
C ARG A 201 -31.41 -25.49 14.40
N GLU A 202 -31.61 -26.44 13.47
CA GLU A 202 -32.46 -27.61 13.69
C GLU A 202 -33.82 -27.20 14.23
N GLY A 203 -34.33 -26.08 13.72
CA GLY A 203 -35.64 -25.59 14.12
C GLY A 203 -35.69 -24.83 15.43
N LYS A 204 -34.57 -24.69 16.14
CA LYS A 204 -34.56 -23.98 17.41
C LYS A 204 -34.03 -22.56 17.21
N ALA A 205 -34.68 -21.59 17.84
CA ALA A 205 -34.21 -20.20 17.78
C ALA A 205 -32.96 -20.03 18.66
N VAL A 206 -31.88 -19.52 18.07
CA VAL A 206 -30.61 -19.40 18.78
C VAL A 206 -29.94 -18.06 18.44
N HIS A 207 -29.14 -17.55 19.38
CA HIS A 207 -28.25 -16.43 19.16
C HIS A 207 -26.80 -16.87 19.45
N VAL A 208 -25.84 -16.12 18.93
CA VAL A 208 -24.43 -16.49 19.08
C VAL A 208 -24.03 -16.50 20.55
N SER A 209 -23.27 -17.56 20.95
CA SER A 209 -22.79 -17.68 22.33
C SER A 209 -21.55 -16.82 22.59
N PRO A 210 -21.39 -16.30 23.81
CA PRO A 210 -20.14 -15.60 24.15
C PRO A 210 -18.97 -16.57 24.12
N GLY A 211 -17.80 -16.05 23.74
CA GLY A 211 -16.58 -16.83 23.74
C GLY A 211 -15.39 -15.91 23.65
N ALA A 212 -14.21 -16.45 23.94
CA ALA A 212 -13.00 -15.63 23.92
C ALA A 212 -12.70 -15.18 22.49
N LEU A 213 -12.37 -13.90 22.34
CA LEU A 213 -12.08 -13.29 21.05
C LEU A 213 -13.28 -13.30 20.12
N ASP A 214 -14.51 -13.43 20.66
CA ASP A 214 -15.69 -13.46 19.81
C ASP A 214 -15.89 -12.13 19.07
N ALA A 215 -15.65 -11.01 19.75
CA ALA A 215 -15.81 -9.69 19.12
C ALA A 215 -14.92 -9.56 17.90
N GLU A 216 -13.68 -10.06 18.01
CA GLU A 216 -12.68 -9.91 16.96
C GLU A 216 -12.91 -10.86 15.78
N ALA A 217 -13.48 -12.04 16.03
CA ALA A 217 -13.54 -13.08 15.01
C ALA A 217 -14.94 -13.32 14.46
N TYR A 218 -16.00 -13.10 15.24
CA TYR A 218 -17.34 -13.34 14.70
C TYR A 218 -18.40 -12.53 15.45
N GLY A 219 -18.07 -11.31 15.85
CA GLY A 219 -18.90 -10.61 16.80
C GLY A 219 -19.91 -9.59 16.28
N VAL A 220 -19.89 -9.28 15.00
CA VAL A 220 -20.67 -8.15 14.50
C VAL A 220 -22.07 -8.60 14.08
N LYS A 221 -23.05 -7.76 14.38
CA LYS A 221 -24.41 -7.90 13.89
C LYS A 221 -24.77 -6.64 13.13
N SER A 222 -25.51 -6.78 12.03
CA SER A 222 -25.74 -5.60 11.18
C SER A 222 -27.04 -5.77 10.38
N THR A 223 -27.51 -4.66 9.84
CA THR A 223 -28.67 -4.64 8.92
C THR A 223 -28.20 -4.73 7.47
N ILE A 224 -29.14 -5.07 6.59
CA ILE A 224 -28.82 -5.12 5.16
C ILE A 224 -28.43 -3.74 4.66
N GLU A 225 -28.99 -2.67 5.25
CA GLU A 225 -28.63 -1.32 4.79
C GLU A 225 -27.20 -0.97 5.18
N ASP A 226 -26.83 -1.18 6.44
CA ASP A 226 -25.45 -0.92 6.84
C ASP A 226 -24.48 -1.81 6.06
N MET A 227 -24.87 -3.05 5.76
CA MET A 227 -23.95 -3.92 5.03
C MET A 227 -23.78 -3.48 3.58
N ALA A 228 -24.84 -2.94 2.95
CA ALA A 228 -24.64 -2.36 1.63
C ALA A 228 -23.71 -1.16 1.69
N ARG A 229 -23.80 -0.35 2.75
CA ARG A 229 -22.88 0.76 2.93
C ARG A 229 -21.45 0.27 3.18
N TRP A 230 -21.30 -0.78 3.97
CA TRP A 230 -19.98 -1.42 4.13
C TRP A 230 -19.41 -1.83 2.77
N VAL A 231 -20.22 -2.46 1.91
CA VAL A 231 -19.73 -2.88 0.60
C VAL A 231 -19.36 -1.66 -0.25
N GLN A 232 -20.20 -0.62 -0.25
CA GLN A 232 -19.89 0.61 -0.99
CA GLN A 232 -19.87 0.58 -1.02
C GLN A 232 -18.58 1.21 -0.52
N SER A 233 -18.35 1.20 0.79
CA SER A 233 -17.12 1.77 1.36
C SER A 233 -15.90 1.00 0.89
N ASN A 234 -16.04 -0.32 0.75
CA ASN A 234 -14.93 -1.15 0.29
C ASN A 234 -14.80 -1.15 -1.22
N LEU A 235 -15.89 -0.88 -1.94
CA LEU A 235 -15.84 -0.78 -3.40
C LEU A 235 -15.09 0.48 -3.83
N LYS A 236 -15.27 1.57 -3.09
CA LYS A 236 -14.71 2.88 -3.45
C LYS A 236 -14.08 3.55 -2.22
N PRO A 237 -12.95 3.03 -1.74
CA PRO A 237 -12.37 3.58 -0.51
C PRO A 237 -11.95 5.04 -0.64
N LEU A 238 -11.65 5.51 -1.86
CA LEU A 238 -11.13 6.86 -1.98
C LEU A 238 -12.21 7.92 -1.76
N ASP A 239 -13.49 7.53 -1.77
CA ASP A 239 -14.56 8.44 -1.38
C ASP A 239 -14.63 8.65 0.13
N ILE A 240 -13.90 7.86 0.93
CA ILE A 240 -13.95 7.99 2.38
C ILE A 240 -13.06 9.15 2.82
N ASN A 241 -13.59 9.99 3.70
CA ASN A 241 -12.93 11.25 4.05
C ASN A 241 -11.81 11.05 5.07
N GLU A 242 -11.99 10.12 6.01
CA GLU A 242 -10.99 9.86 7.04
C GLU A 242 -9.79 9.14 6.42
N LYS A 243 -8.63 9.79 6.41
CA LYS A 243 -7.51 9.32 5.58
C LYS A 243 -6.98 7.95 6.03
N THR A 244 -6.86 7.72 7.35
CA THR A 244 -6.30 6.44 7.75
C THR A 244 -7.29 5.30 7.51
N LEU A 245 -8.60 5.58 7.57
CA LEU A 245 -9.59 4.55 7.26
C LEU A 245 -9.55 4.21 5.77
N GLN A 246 -9.38 5.22 4.92
CA GLN A 246 -9.24 4.98 3.49
C GLN A 246 -8.06 4.05 3.20
N GLN A 247 -6.90 4.35 3.80
CA GLN A 247 -5.73 3.51 3.59
C GLN A 247 -5.92 2.13 4.22
N GLY A 248 -6.58 2.09 5.39
CA GLY A 248 -6.82 0.81 6.05
C GLY A 248 -7.67 -0.13 5.21
N ILE A 249 -8.72 0.41 4.58
CA ILE A 249 -9.52 -0.40 3.65
C ILE A 249 -8.65 -0.94 2.54
N GLN A 250 -7.80 -0.08 1.96
CA GLN A 250 -6.95 -0.55 0.87
C GLN A 250 -5.98 -1.62 1.35
N LEU A 251 -5.44 -1.48 2.55
CA LEU A 251 -4.50 -2.48 3.07
C LEU A 251 -5.18 -3.83 3.28
N ALA A 252 -6.46 -3.82 3.63
CA ALA A 252 -7.18 -5.08 3.87
C ALA A 252 -7.45 -5.84 2.57
N GLN A 253 -7.44 -5.15 1.43
N GLN A 253 -7.46 -5.19 1.40
CA GLN A 253 -7.61 -5.78 0.13
CA GLN A 253 -7.58 -5.93 0.16
C GLN A 253 -6.29 -6.03 -0.60
C GLN A 253 -6.28 -6.06 -0.59
N SER A 254 -5.15 -5.78 0.04
CA SER A 254 -3.87 -6.15 -0.54
C SER A 254 -3.75 -7.67 -0.56
N ARG A 255 -2.97 -8.21 -1.50
CA ARG A 255 -2.79 -9.66 -1.62
C ARG A 255 -1.50 -10.08 -0.94
N TYR A 256 -1.62 -10.81 0.18
CA TYR A 256 -0.46 -11.15 1.00
C TYR A 256 0.06 -12.56 0.76
N TRP A 257 -0.83 -13.49 0.39
CA TRP A 257 -0.51 -14.90 0.21
C TRP A 257 -1.38 -15.43 -0.91
N GLN A 258 -0.91 -16.48 -1.57
CA GLN A 258 -1.66 -17.15 -2.63
C GLN A 258 -1.70 -18.63 -2.34
N THR A 259 -2.89 -19.23 -2.47
CA THR A 259 -3.02 -20.68 -2.51
C THR A 259 -4.08 -21.02 -3.54
N GLY A 260 -3.71 -21.84 -4.52
CA GLY A 260 -4.61 -22.05 -5.64
C GLY A 260 -4.81 -20.72 -6.36
N ASP A 261 -6.05 -20.40 -6.68
CA ASP A 261 -6.35 -19.12 -7.30
C ASP A 261 -6.85 -18.08 -6.31
N MET A 262 -6.76 -18.35 -5.01
CA MET A 262 -7.26 -17.45 -3.99
C MET A 262 -6.11 -16.65 -3.39
N TYR A 263 -6.37 -15.38 -3.07
CA TYR A 263 -5.41 -14.51 -2.41
C TYR A 263 -5.97 -14.12 -1.06
N GLN A 264 -5.11 -14.09 -0.05
CA GLN A 264 -5.50 -13.72 1.30
C GLN A 264 -5.22 -12.25 1.54
N GLY A 265 -6.26 -11.49 1.90
CA GLY A 265 -6.13 -10.15 2.43
C GLY A 265 -6.20 -10.13 3.95
N LEU A 266 -6.56 -8.98 4.51
CA LEU A 266 -6.83 -8.88 5.93
C LEU A 266 -8.35 -9.02 6.08
N GLY A 267 -8.80 -10.21 6.47
CA GLY A 267 -10.24 -10.47 6.53
C GLY A 267 -10.78 -10.83 5.17
N TRP A 268 -10.71 -9.91 4.21
CA TRP A 268 -11.16 -10.19 2.86
C TRP A 268 -10.30 -11.27 2.20
N GLU A 269 -10.93 -12.02 1.28
CA GLU A 269 -10.25 -12.94 0.38
C GLU A 269 -10.57 -12.52 -1.05
N MET A 270 -9.65 -12.76 -1.98
CA MET A 270 -9.78 -12.21 -3.32
C MET A 270 -9.39 -13.25 -4.37
N LEU A 271 -10.02 -13.14 -5.55
CA LEU A 271 -9.60 -13.86 -6.74
C LEU A 271 -9.51 -12.89 -7.91
N ASP A 272 -8.74 -13.26 -8.91
CA ASP A 272 -8.67 -12.42 -10.11
C ASP A 272 -10.02 -12.46 -10.83
N TRP A 273 -10.49 -11.27 -11.24
CA TRP A 273 -11.69 -11.18 -12.06
C TRP A 273 -11.28 -11.08 -13.53
N PRO A 274 -11.90 -11.84 -14.45
CA PRO A 274 -13.06 -12.72 -14.19
C PRO A 274 -12.67 -14.06 -13.58
N VAL A 275 -13.58 -14.61 -12.77
CA VAL A 275 -13.31 -15.81 -12.00
C VAL A 275 -13.93 -16.99 -12.73
N ASN A 276 -13.41 -18.18 -12.45
CA ASN A 276 -14.13 -19.39 -12.79
C ASN A 276 -15.13 -19.67 -11.68
N PRO A 277 -16.44 -19.66 -11.96
CA PRO A 277 -17.42 -19.84 -10.88
C PRO A 277 -17.20 -21.13 -10.09
N ASP A 278 -16.93 -22.24 -10.78
CA ASP A 278 -16.63 -23.50 -10.08
C ASP A 278 -15.46 -23.32 -9.10
N SER A 279 -14.58 -22.36 -9.37
CA SER A 279 -13.43 -22.17 -8.49
C SER A 279 -13.85 -21.48 -7.19
N ILE A 280 -14.71 -20.46 -7.27
CA ILE A 280 -15.18 -19.85 -6.02
C ILE A 280 -16.30 -20.67 -5.39
N ILE A 281 -17.13 -21.32 -6.19
CA ILE A 281 -18.28 -22.03 -5.63
C ILE A 281 -17.80 -23.24 -4.84
N ASN A 282 -17.04 -24.13 -5.51
CA ASN A 282 -16.44 -25.26 -4.79
C ASN A 282 -15.45 -24.80 -3.74
N GLY A 283 -14.70 -23.73 -4.03
CA GLY A 283 -13.68 -23.26 -3.09
C GLY A 283 -14.26 -22.77 -1.78
N SER A 284 -15.53 -22.31 -1.79
CA SER A 284 -16.17 -21.82 -0.57
C SER A 284 -16.63 -22.94 0.35
N ASP A 285 -16.81 -24.15 -0.17
CA ASP A 285 -17.14 -25.29 0.69
C ASP A 285 -16.10 -25.38 1.81
N ASN A 286 -16.58 -25.60 3.04
CA ASN A 286 -15.69 -25.65 4.19
C ASN A 286 -14.66 -26.77 4.07
N LYS A 287 -14.92 -27.78 3.24
CA LYS A 287 -13.91 -28.82 3.02
C LYS A 287 -12.64 -28.26 2.40
N ILE A 288 -12.76 -27.18 1.63
CA ILE A 288 -11.59 -26.49 1.10
C ILE A 288 -11.22 -25.27 1.95
N ALA A 289 -12.21 -24.47 2.34
CA ALA A 289 -11.94 -23.19 2.99
C ALA A 289 -11.27 -23.36 4.37
N LEU A 290 -11.60 -24.44 5.08
CA LEU A 290 -11.10 -24.66 6.43
C LEU A 290 -9.89 -25.60 6.48
N ALA A 291 -9.40 -26.09 5.33
CA ALA A 291 -8.33 -27.07 5.26
C ALA A 291 -6.95 -26.42 5.33
N ALA A 292 -5.94 -27.23 5.65
CA ALA A 292 -4.56 -26.73 5.71
C ALA A 292 -3.94 -26.73 4.32
N ARG A 293 -3.47 -25.57 3.86
CA ARG A 293 -2.93 -25.44 2.52
C ARG A 293 -1.62 -24.67 2.51
N PRO A 294 -0.62 -25.13 1.77
CA PRO A 294 0.61 -24.35 1.63
C PRO A 294 0.31 -23.05 0.90
N VAL A 295 1.02 -22.00 1.30
CA VAL A 295 0.83 -20.68 0.72
C VAL A 295 2.13 -20.22 0.10
N LYS A 296 2.01 -19.41 -0.96
CA LYS A 296 3.14 -18.71 -1.54
C LYS A 296 3.05 -17.25 -1.12
N ALA A 297 4.13 -16.72 -0.57
CA ALA A 297 4.17 -15.32 -0.17
C ALA A 297 4.16 -14.42 -1.39
N ILE A 298 3.41 -13.33 -1.31
CA ILE A 298 3.43 -12.30 -2.35
C ILE A 298 4.37 -11.23 -1.85
N THR A 299 5.55 -11.17 -2.45
CA THR A 299 6.68 -10.41 -1.91
C THR A 299 7.09 -9.33 -2.87
N PRO A 300 6.71 -8.06 -2.64
CA PRO A 300 5.87 -7.54 -1.56
C PRO A 300 4.39 -7.66 -1.94
N PRO A 301 3.48 -7.47 -0.98
CA PRO A 301 2.06 -7.69 -1.27
C PRO A 301 1.56 -6.78 -2.37
N THR A 302 0.63 -7.31 -3.17
CA THR A 302 0.05 -6.50 -4.25
C THR A 302 -1.01 -5.58 -3.67
N PRO A 303 -0.96 -4.28 -3.96
CA PRO A 303 -2.03 -3.39 -3.48
C PRO A 303 -3.34 -3.76 -4.13
N ALA A 304 -4.44 -3.38 -3.47
CA ALA A 304 -5.78 -3.74 -3.91
C ALA A 304 -5.95 -3.69 -5.43
N VAL A 305 -6.27 -4.84 -6.02
CA VAL A 305 -6.44 -4.96 -7.47
C VAL A 305 -7.92 -4.73 -7.81
N ARG A 306 -8.20 -3.70 -8.61
CA ARG A 306 -9.59 -3.40 -8.95
C ARG A 306 -10.26 -4.54 -9.72
N ALA A 307 -9.50 -5.28 -10.51
CA ALA A 307 -10.05 -6.40 -11.29
C ALA A 307 -10.07 -7.69 -10.46
N SER A 308 -10.76 -7.63 -9.31
CA SER A 308 -10.83 -8.75 -8.39
C SER A 308 -12.28 -9.04 -8.04
N TRP A 309 -12.54 -10.31 -7.71
CA TRP A 309 -13.72 -10.73 -6.99
C TRP A 309 -13.31 -10.79 -5.52
N VAL A 310 -13.84 -9.89 -4.70
CA VAL A 310 -13.48 -9.78 -3.29
C VAL A 310 -14.66 -10.30 -2.48
N HIS A 311 -14.41 -11.17 -1.51
CA HIS A 311 -15.56 -11.78 -0.86
C HIS A 311 -15.22 -12.32 0.52
N LYS A 312 -16.27 -12.70 1.25
CA LYS A 312 -16.13 -13.36 2.54
C LYS A 312 -17.44 -14.06 2.85
N THR A 313 -17.36 -15.34 3.20
CA THR A 313 -18.51 -16.04 3.77
C THR A 313 -18.47 -15.94 5.28
N GLY A 314 -19.63 -16.11 5.90
CA GLY A 314 -19.71 -16.04 7.34
C GLY A 314 -20.84 -16.89 7.85
N ALA A 315 -20.65 -17.44 9.05
CA ALA A 315 -21.69 -18.25 9.65
C ALA A 315 -21.66 -18.08 11.16
N THR A 316 -22.82 -18.25 11.78
CA THR A 316 -22.89 -18.62 13.19
C THR A 316 -23.76 -19.87 13.29
N GLY A 317 -24.01 -20.31 14.52
CA GLY A 317 -24.86 -21.48 14.69
C GLY A 317 -26.19 -21.32 13.98
N GLY A 318 -26.74 -20.10 13.96
CA GLY A 318 -28.06 -19.88 13.43
C GLY A 318 -28.14 -18.96 12.22
N PHE A 319 -27.00 -18.54 11.66
CA PHE A 319 -27.03 -17.56 10.58
C PHE A 319 -26.02 -17.93 9.49
N GLY A 320 -26.33 -17.52 8.26
CA GLY A 320 -25.37 -17.63 7.18
C GLY A 320 -25.31 -16.36 6.34
N SER A 321 -24.11 -15.84 6.08
CA SER A 321 -23.98 -14.59 5.37
C SER A 321 -22.92 -14.70 4.26
N TYR A 322 -23.00 -13.78 3.31
CA TYR A 322 -22.03 -13.73 2.22
C TYR A 322 -21.97 -12.31 1.68
N VAL A 323 -20.75 -11.84 1.43
CA VAL A 323 -20.54 -10.54 0.79
C VAL A 323 -19.55 -10.74 -0.35
N ALA A 324 -19.83 -10.11 -1.49
CA ALA A 324 -18.90 -10.16 -2.61
C ALA A 324 -19.01 -8.87 -3.41
N PHE A 325 -17.89 -8.44 -3.99
CA PHE A 325 -17.95 -7.25 -4.83
C PHE A 325 -16.82 -7.26 -5.84
N ILE A 326 -17.02 -6.51 -6.92
CA ILE A 326 -16.05 -6.39 -8.00
C ILE A 326 -15.78 -4.90 -8.23
N PRO A 327 -14.67 -4.36 -7.70
CA PRO A 327 -14.46 -2.91 -7.79
C PRO A 327 -14.44 -2.39 -9.22
N GLU A 328 -13.92 -3.18 -10.14
CA GLU A 328 -13.81 -2.74 -11.53
C GLU A 328 -15.18 -2.53 -12.17
N LYS A 329 -16.19 -3.28 -11.74
CA LYS A 329 -17.54 -3.19 -12.31
C LYS A 329 -18.47 -2.35 -11.46
N GLU A 330 -18.01 -1.84 -10.31
CA GLU A 330 -18.84 -1.12 -9.35
C GLU A 330 -20.05 -1.97 -8.96
N LEU A 331 -19.81 -3.25 -8.70
CA LEU A 331 -20.86 -4.24 -8.51
C LEU A 331 -20.62 -4.97 -7.19
N GLY A 332 -21.70 -5.19 -6.43
CA GLY A 332 -21.56 -5.90 -5.17
C GLY A 332 -22.86 -6.54 -4.71
N ILE A 333 -22.74 -7.46 -3.76
CA ILE A 333 -23.93 -8.13 -3.23
C ILE A 333 -23.69 -8.48 -1.76
N VAL A 334 -24.78 -8.42 -0.98
CA VAL A 334 -24.81 -8.89 0.39
C VAL A 334 -26.00 -9.84 0.54
N MET A 335 -25.75 -11.00 1.14
CA MET A 335 -26.80 -11.98 1.44
C MET A 335 -26.75 -12.33 2.92
N LEU A 336 -27.83 -12.05 3.64
CA LEU A 336 -27.93 -12.30 5.08
C LEU A 336 -29.12 -13.20 5.33
N ALA A 337 -28.91 -14.31 6.01
CA ALA A 337 -29.98 -15.26 6.28
C ALA A 337 -29.91 -15.71 7.73
N ASN A 338 -31.06 -16.00 8.33
CA ASN A 338 -31.05 -16.52 9.70
C ASN A 338 -31.20 -18.04 9.71
N LYS A 339 -30.44 -18.68 8.83
CA LYS A 339 -30.12 -20.10 8.91
C LYS A 339 -28.72 -20.27 8.32
N ASN A 340 -27.91 -21.13 8.94
CA ASN A 340 -26.59 -21.47 8.40
C ASN A 340 -26.75 -22.57 7.35
N TYR A 341 -26.76 -22.20 6.08
CA TYR A 341 -26.91 -23.15 4.98
C TYR A 341 -25.60 -23.25 4.21
N PRO A 342 -25.42 -24.29 3.39
CA PRO A 342 -24.08 -24.56 2.81
C PRO A 342 -23.49 -23.37 2.04
N ASN A 343 -22.21 -23.10 2.28
CA ASN A 343 -21.50 -22.04 1.57
C ASN A 343 -21.63 -22.11 0.04
N PRO A 344 -21.49 -23.27 -0.61
CA PRO A 344 -21.57 -23.25 -2.09
C PRO A 344 -22.90 -22.79 -2.64
N ALA A 345 -24.00 -23.01 -1.91
CA ALA A 345 -25.28 -22.47 -2.35
C ALA A 345 -25.27 -20.95 -2.30
N ARG A 346 -24.63 -20.36 -1.29
CA ARG A 346 -24.51 -18.90 -1.21
C ARG A 346 -23.75 -18.36 -2.41
N VAL A 347 -22.56 -18.90 -2.65
CA VAL A 347 -21.71 -18.34 -3.70
C VAL A 347 -22.33 -18.56 -5.07
N ASP A 348 -22.99 -19.70 -5.28
CA ASP A 348 -23.64 -19.96 -6.56
C ASP A 348 -24.70 -18.90 -6.85
N ALA A 349 -25.56 -18.64 -5.86
CA ALA A 349 -26.57 -17.60 -6.00
C ALA A 349 -25.94 -16.23 -6.28
N ALA A 350 -24.91 -15.85 -5.50
CA ALA A 350 -24.25 -14.56 -5.72
C ALA A 350 -23.62 -14.49 -7.10
N TRP A 351 -23.00 -15.59 -7.55
CA TRP A 351 -22.38 -15.59 -8.87
C TRP A 351 -23.42 -15.35 -9.96
N GLN A 352 -24.53 -16.10 -9.90
CA GLN A 352 -25.59 -15.95 -10.90
C GLN A 352 -26.08 -14.51 -10.99
N ILE A 353 -26.29 -13.86 -9.84
CA ILE A 353 -26.81 -12.49 -9.84
C ILE A 353 -25.78 -11.53 -10.43
N LEU A 354 -24.53 -11.57 -9.93
CA LEU A 354 -23.55 -10.61 -10.38
C LEU A 354 -23.13 -10.86 -11.83
N ASN A 355 -22.97 -12.13 -12.22
CA ASN A 355 -22.64 -12.41 -13.62
C ASN A 355 -23.72 -11.86 -14.55
N ALA A 356 -24.99 -11.99 -14.16
CA ALA A 356 -26.08 -11.45 -14.97
C ALA A 356 -26.04 -9.93 -15.08
N LEU A 357 -25.45 -9.23 -14.12
CA LEU A 357 -25.46 -7.77 -14.12
C LEU A 357 -24.18 -7.14 -14.63
N GLN A 358 -23.14 -7.92 -14.91
CA GLN A 358 -21.86 -7.35 -15.30
C GLN A 358 -21.77 -7.21 -16.81
N ALA B 1 8.73 36.57 1.76
CA ALA B 1 8.97 35.45 2.67
C ALA B 1 9.04 35.92 4.13
N PRO B 2 8.51 35.11 5.05
CA PRO B 2 8.70 35.40 6.47
C PRO B 2 10.16 35.63 6.81
N GLN B 3 10.39 36.54 7.74
CA GLN B 3 11.76 36.90 8.12
C GLN B 3 12.54 35.69 8.60
N GLN B 4 11.88 34.76 9.30
CA GLN B 4 12.57 33.59 9.81
C GLN B 4 13.15 32.75 8.67
N ILE B 5 12.38 32.60 7.58
CA ILE B 5 12.89 31.83 6.44
C ILE B 5 14.01 32.60 5.73
N ASN B 6 13.78 33.88 5.41
CA ASN B 6 14.83 34.68 4.80
C ASN B 6 16.12 34.62 5.61
N ASP B 7 16.00 34.66 6.94
CA ASP B 7 17.18 34.69 7.79
C ASP B 7 17.95 33.38 7.70
N ILE B 8 17.29 32.24 7.92
CA ILE B 8 18.05 30.99 8.00
C ILE B 8 18.59 30.62 6.63
N VAL B 9 17.84 30.90 5.56
CA VAL B 9 18.35 30.56 4.22
C VAL B 9 19.55 31.41 3.86
N HIS B 10 19.48 32.72 4.14
CA HIS B 10 20.57 33.64 3.78
C HIS B 10 21.86 33.26 4.52
N ARG B 11 21.76 33.01 5.83
CA ARG B 11 22.94 32.66 6.61
C ARG B 11 23.48 31.27 6.30
N THR B 12 22.67 30.38 5.72
CA THR B 12 23.13 29.02 5.43
C THR B 12 23.61 28.85 3.98
N ILE B 13 22.82 29.29 3.00
CA ILE B 13 23.14 28.99 1.61
C ILE B 13 24.22 29.92 1.06
N THR B 14 24.14 31.22 1.32
CA THR B 14 25.14 32.12 0.75
C THR B 14 26.56 31.81 1.20
N PRO B 15 26.83 31.44 2.47
CA PRO B 15 28.19 30.98 2.79
C PRO B 15 28.57 29.69 2.08
N LEU B 16 27.61 28.75 1.95
CA LEU B 16 27.85 27.54 1.19
C LEU B 16 28.26 27.86 -0.24
N ILE B 17 27.56 28.80 -0.88
CA ILE B 17 27.89 29.19 -2.25
C ILE B 17 29.31 29.75 -2.31
N GLU B 18 29.68 30.57 -1.34
CA GLU B 18 31.07 31.06 -1.30
C GLU B 18 32.04 29.93 -1.04
N GLN B 19 31.78 29.11 0.00
CA GLN B 19 32.71 28.04 0.35
C GLN B 19 32.91 27.03 -0.78
N GLN B 20 31.87 26.75 -1.56
CA GLN B 20 31.96 25.70 -2.57
C GLN B 20 32.21 26.25 -3.97
N LYS B 21 32.23 27.58 -4.13
CA LYS B 21 32.46 28.23 -5.42
C LYS B 21 31.40 27.84 -6.44
N ILE B 22 30.14 27.97 -6.03
CA ILE B 22 29.00 27.52 -6.84
C ILE B 22 28.59 28.66 -7.77
N PRO B 23 28.64 28.46 -9.09
CA PRO B 23 28.28 29.56 -10.01
C PRO B 23 26.84 30.03 -9.87
N GLY B 24 25.89 29.10 -9.70
CA GLY B 24 24.49 29.48 -9.68
C GLY B 24 23.72 28.50 -8.85
N MET B 25 22.67 28.99 -8.19
CA MET B 25 21.95 28.15 -7.24
C MET B 25 20.52 28.64 -7.11
N ALA B 26 19.59 27.68 -7.02
CA ALA B 26 18.21 27.98 -6.72
C ALA B 26 17.78 27.11 -5.54
N VAL B 27 17.00 27.69 -4.65
CA VAL B 27 16.52 26.98 -3.47
C VAL B 27 15.03 27.27 -3.32
N ALA B 28 14.26 26.23 -2.99
CA ALA B 28 12.87 26.39 -2.61
C ALA B 28 12.68 25.83 -1.20
N VAL B 29 12.00 26.59 -0.34
CA VAL B 29 11.61 26.09 0.97
C VAL B 29 10.09 25.99 0.98
N ILE B 30 9.59 24.82 1.31
CA ILE B 30 8.16 24.61 1.50
C ILE B 30 7.90 24.73 2.99
N TYR B 31 7.15 25.74 3.39
CA TYR B 31 6.92 26.03 4.80
C TYR B 31 5.42 26.10 5.02
N GLN B 32 4.89 25.20 5.83
CA GLN B 32 3.46 25.05 6.03
C GLN B 32 2.75 24.91 4.69
N GLY B 33 3.38 24.15 3.78
CA GLY B 33 2.81 23.87 2.48
C GLY B 33 3.05 24.91 1.41
N LYS B 34 3.43 26.25 1.80
CA LYS B 34 3.62 27.25 0.75
C LYS B 34 5.08 27.35 0.34
N PRO B 35 5.36 27.63 -0.93
CA PRO B 35 6.75 27.69 -1.41
C PRO B 35 7.36 29.08 -1.33
N TYR B 36 8.65 29.11 -0.98
CA TYR B 36 9.43 30.35 -0.95
C TYR B 36 10.71 30.11 -1.71
N TYR B 37 11.08 31.07 -2.56
CA TYR B 37 12.11 30.85 -3.56
C TYR B 37 13.25 31.84 -3.40
N PHE B 38 14.45 31.36 -3.71
CA PHE B 38 15.69 32.09 -3.53
C PHE B 38 16.59 31.76 -4.70
N THR B 39 17.25 32.76 -5.29
CA THR B 39 18.16 32.49 -6.39
C THR B 39 19.44 33.30 -6.20
N TRP B 40 20.53 32.74 -6.73
CA TRP B 40 21.85 33.37 -6.65
C TRP B 40 22.62 33.07 -7.92
N GLY B 41 23.37 34.07 -8.40
CA GLY B 41 24.41 33.77 -9.37
C GLY B 41 23.90 33.56 -10.78
N TYR B 42 24.66 32.79 -11.55
CA TYR B 42 24.54 32.72 -12.99
C TYR B 42 24.20 31.31 -13.46
N ALA B 43 23.17 31.21 -14.32
CA ALA B 43 22.91 29.97 -15.07
C ALA B 43 23.96 29.74 -16.15
N ASP B 44 24.45 30.83 -16.76
CA ASP B 44 25.47 30.81 -17.81
C ASP B 44 26.48 31.91 -17.47
N ILE B 45 27.71 31.50 -17.14
CA ILE B 45 28.71 32.44 -16.63
C ILE B 45 29.18 33.40 -17.73
N ALA B 46 29.50 32.86 -18.91
CA ALA B 46 30.03 33.71 -19.98
C ALA B 46 29.00 34.73 -20.47
N LYS B 47 27.75 34.32 -20.64
CA LYS B 47 26.69 35.24 -21.01
C LYS B 47 26.16 36.06 -19.85
N LYS B 48 26.64 35.81 -18.63
CA LYS B 48 26.11 36.44 -17.42
C LYS B 48 24.59 36.36 -17.39
N GLN B 49 24.06 35.17 -17.68
CA GLN B 49 22.63 34.92 -17.54
C GLN B 49 22.30 34.60 -16.10
N PRO B 50 21.43 35.36 -15.44
CA PRO B 50 21.12 35.06 -14.04
C PRO B 50 20.31 33.77 -13.92
N VAL B 51 20.56 33.04 -12.83
CA VAL B 51 19.61 32.01 -12.42
C VAL B 51 18.27 32.65 -12.15
N THR B 52 17.21 32.10 -12.73
CA THR B 52 15.86 32.55 -12.42
C THR B 52 15.00 31.35 -11.96
N GLN B 53 13.74 31.65 -11.66
CA GLN B 53 12.74 30.62 -11.45
C GLN B 53 12.50 29.76 -12.67
N GLN B 54 12.82 30.25 -13.86
CA GLN B 54 12.65 29.50 -15.10
C GLN B 54 13.88 28.69 -15.47
N THR B 55 14.95 28.78 -14.69
CA THR B 55 16.19 28.10 -15.05
C THR B 55 16.06 26.58 -14.85
N LEU B 56 16.44 25.82 -15.88
CA LEU B 56 16.41 24.35 -15.81
C LEU B 56 17.77 23.83 -15.34
N PHE B 57 17.75 23.02 -14.29
CA PHE B 57 18.93 22.35 -13.76
C PHE B 57 18.82 20.85 -14.04
N GLU B 58 19.97 20.21 -14.24
CA GLU B 58 20.00 18.75 -14.35
C GLU B 58 19.86 18.15 -12.97
N LEU B 59 18.81 17.33 -12.78
CA LEU B 59 18.57 16.77 -11.46
C LEU B 59 19.48 15.61 -11.12
N GLY B 60 20.09 14.97 -12.13
CA GLY B 60 20.89 13.79 -11.84
C GLY B 60 20.06 12.71 -11.17
N SER B 61 20.61 12.13 -10.10
CA SER B 61 20.00 11.00 -9.42
C SER B 61 18.67 11.31 -8.75
N VAL B 62 18.34 12.58 -8.55
CA VAL B 62 17.00 12.90 -8.04
C VAL B 62 15.94 12.47 -9.05
N SER B 63 16.33 12.26 -10.32
CA SER B 63 15.44 11.67 -11.32
C SER B 63 14.89 10.32 -10.88
N LYS B 64 15.66 9.55 -10.09
CA LYS B 64 15.18 8.27 -9.63
C LYS B 64 13.90 8.38 -8.79
N THR B 65 13.64 9.54 -8.19
CA THR B 65 12.37 9.68 -7.46
C THR B 65 11.19 9.76 -8.44
N PHE B 66 11.38 10.37 -9.60
CA PHE B 66 10.34 10.32 -10.64
C PHE B 66 10.15 8.91 -11.15
N THR B 67 11.25 8.18 -11.37
CA THR B 67 11.14 6.80 -11.82
C THR B 67 10.42 5.95 -10.79
N GLY B 68 10.74 6.12 -9.51
CA GLY B 68 10.05 5.35 -8.47
C GLY B 68 8.56 5.62 -8.43
N VAL B 69 8.18 6.89 -8.54
CA VAL B 69 6.76 7.27 -8.54
C VAL B 69 6.06 6.79 -9.81
N LEU B 70 6.71 6.90 -10.96
CA LEU B 70 6.11 6.35 -12.18
C LEU B 70 5.92 4.84 -12.05
N GLY B 71 6.90 4.14 -11.47
CA GLY B 71 6.71 2.73 -11.23
C GLY B 71 5.57 2.47 -10.26
N GLY B 72 5.48 3.27 -9.20
CA GLY B 72 4.38 3.11 -8.25
C GLY B 72 3.03 3.36 -8.90
N ASP B 73 2.98 4.29 -9.85
CA ASP B 73 1.74 4.54 -10.58
C ASP B 73 1.35 3.35 -11.46
N ALA B 74 2.34 2.66 -12.04
CA ALA B 74 1.99 1.49 -12.85
C ALA B 74 1.55 0.31 -11.99
N ILE B 75 2.07 0.20 -10.76
CA ILE B 75 1.55 -0.79 -9.82
C ILE B 75 0.10 -0.48 -9.49
N ALA B 76 -0.18 0.79 -9.17
CA ALA B 76 -1.53 1.20 -8.81
C ALA B 76 -2.52 0.97 -9.94
N ARG B 77 -2.06 1.10 -11.18
CA ARG B 77 -2.86 0.81 -12.36
C ARG B 77 -3.07 -0.68 -12.60
N GLY B 78 -2.41 -1.54 -11.83
CA GLY B 78 -2.51 -2.95 -12.10
C GLY B 78 -1.73 -3.42 -13.31
N GLU B 79 -0.77 -2.64 -13.81
CA GLU B 79 0.02 -3.05 -14.97
C GLU B 79 1.22 -3.91 -14.60
N ILE B 80 1.80 -3.70 -13.41
CA ILE B 80 2.93 -4.49 -12.94
C ILE B 80 2.71 -4.82 -11.46
N LYS B 81 3.47 -5.80 -10.98
CA LYS B 81 3.61 -6.03 -9.55
C LYS B 81 5.09 -6.11 -9.20
N LEU B 82 5.45 -5.46 -8.14
CA LEU B 82 6.84 -5.52 -7.69
C LEU B 82 7.27 -6.94 -7.40
N SER B 83 6.32 -7.84 -7.15
CA SER B 83 6.65 -9.24 -6.89
C SER B 83 6.89 -10.04 -8.16
N ASP B 84 6.65 -9.45 -9.32
CA ASP B 84 6.82 -10.16 -10.58
C ASP B 84 8.27 -10.31 -11.02
N PRO B 85 8.63 -11.50 -11.53
CA PRO B 85 9.99 -11.71 -12.00
C PRO B 85 10.41 -10.74 -13.10
N THR B 86 11.65 -10.24 -13.11
CA THR B 86 12.14 -9.38 -14.18
C THR B 86 11.81 -9.97 -15.55
N THR B 87 11.87 -11.29 -15.66
CA THR B 87 11.70 -11.97 -16.95
C THR B 87 10.29 -11.84 -17.51
N LYS B 88 9.29 -11.57 -16.66
CA LYS B 88 7.93 -11.43 -17.18
C LYS B 88 7.82 -10.25 -18.12
N TYR B 89 8.60 -9.22 -17.92
CA TYR B 89 8.53 -8.05 -18.74
C TYR B 89 9.65 -8.00 -19.74
N TRP B 90 10.64 -8.87 -19.62
CA TRP B 90 11.74 -8.97 -20.58
C TRP B 90 11.96 -10.43 -20.91
N PRO B 91 11.11 -11.01 -21.75
CA PRO B 91 11.19 -12.46 -22.00
C PRO B 91 12.51 -12.91 -22.61
N GLU B 92 13.19 -12.03 -23.35
CA GLU B 92 14.49 -12.37 -23.93
C GLU B 92 15.60 -12.50 -22.90
N LEU B 93 15.34 -12.17 -21.48
CA LEU B 93 16.33 -12.26 -20.40
C LEU B 93 16.24 -13.65 -19.79
N THR B 94 16.86 -14.62 -20.47
CA THR B 94 16.68 -16.02 -20.17
C THR B 94 17.79 -16.64 -19.32
N ALA B 95 18.92 -15.95 -19.14
CA ALA B 95 20.03 -16.55 -18.42
C ALA B 95 19.63 -16.91 -16.99
N LYS B 96 20.24 -17.99 -16.47
CA LYS B 96 19.75 -18.62 -15.25
C LYS B 96 19.96 -17.77 -14.00
N GLN B 97 20.93 -16.87 -13.96
CA GLN B 97 21.11 -16.05 -12.77
C GLN B 97 19.95 -15.10 -12.51
N TRP B 98 19.03 -14.94 -13.49
CA TRP B 98 17.95 -13.99 -13.33
C TRP B 98 16.73 -14.60 -12.65
N ASN B 99 16.74 -15.90 -12.39
CA ASN B 99 15.62 -16.52 -11.71
C ASN B 99 15.57 -16.01 -10.28
N GLY B 100 14.39 -15.57 -9.85
CA GLY B 100 14.27 -15.02 -8.52
C GLY B 100 14.60 -13.55 -8.40
N ILE B 101 15.05 -12.88 -9.45
CA ILE B 101 15.21 -11.43 -9.42
C ILE B 101 13.89 -10.80 -9.87
N THR B 102 13.26 -10.05 -8.97
CA THR B 102 11.95 -9.47 -9.22
C THR B 102 12.08 -7.97 -9.46
N LEU B 103 10.97 -7.36 -9.88
CA LEU B 103 10.97 -5.91 -10.06
C LEU B 103 11.28 -5.18 -8.77
N LEU B 104 10.85 -5.72 -7.62
CA LEU B 104 11.26 -5.14 -6.34
C LEU B 104 12.78 -5.03 -6.24
N HIS B 105 13.50 -6.10 -6.56
CA HIS B 105 14.95 -6.07 -6.42
C HIS B 105 15.57 -4.99 -7.30
N LEU B 106 15.09 -4.88 -8.54
CA LEU B 106 15.59 -3.86 -9.45
C LEU B 106 15.36 -2.47 -8.91
N ALA B 107 14.14 -2.20 -8.43
CA ALA B 107 13.77 -0.85 -8.01
C ALA B 107 14.53 -0.37 -6.77
N THR B 108 14.98 -1.29 -5.93
CA THR B 108 15.57 -0.97 -4.64
C THR B 108 17.06 -1.34 -4.52
N TYR B 109 17.71 -1.68 -5.64
CA TYR B 109 19.15 -1.94 -5.69
C TYR B 109 19.54 -3.22 -4.96
N THR B 110 18.66 -4.22 -4.90
CA THR B 110 18.90 -5.41 -4.10
C THR B 110 18.96 -6.68 -4.96
N ALA B 111 19.20 -6.53 -6.27
CA ALA B 111 19.22 -7.70 -7.13
C ALA B 111 20.44 -8.59 -6.91
N GLY B 112 21.48 -8.07 -6.23
CA GLY B 112 22.66 -8.88 -5.99
C GLY B 112 23.92 -8.31 -6.63
N GLY B 113 24.02 -6.99 -6.70
CA GLY B 113 25.21 -6.34 -7.20
C GLY B 113 25.20 -5.90 -8.65
N LEU B 114 24.04 -5.55 -9.20
CA LEU B 114 24.06 -4.88 -10.49
C LEU B 114 24.96 -3.65 -10.40
N PRO B 115 25.71 -3.33 -11.46
CA PRO B 115 26.76 -2.31 -11.34
C PRO B 115 26.23 -0.89 -11.31
N LEU B 116 27.04 -0.04 -10.66
CA LEU B 116 26.68 1.36 -10.47
C LEU B 116 26.35 2.04 -11.80
N GLN B 117 27.13 1.79 -12.84
CA GLN B 117 26.92 2.40 -14.15
C GLN B 117 26.61 1.34 -15.19
N VAL B 118 25.70 1.67 -16.10
CA VAL B 118 25.57 0.93 -17.36
C VAL B 118 26.80 1.31 -18.18
N PRO B 119 27.62 0.35 -18.62
CA PRO B 119 28.89 0.70 -19.27
C PRO B 119 28.68 1.61 -20.48
N ASP B 120 29.63 2.52 -20.68
CA ASP B 120 29.53 3.51 -21.75
C ASP B 120 29.43 2.84 -23.12
N GLU B 121 29.97 1.64 -23.27
CA GLU B 121 29.95 0.98 -24.56
C GLU B 121 28.61 0.32 -24.87
N VAL B 122 27.69 0.27 -23.91
CA VAL B 122 26.35 -0.24 -24.21
C VAL B 122 25.56 0.88 -24.88
N LYS B 123 25.17 0.65 -26.11
CA LYS B 123 24.50 1.70 -26.87
C LYS B 123 23.16 1.25 -27.43
N SER B 124 23.07 0.02 -27.89
CA SER B 124 21.86 -0.49 -28.53
C SER B 124 21.10 -1.41 -27.59
N SER B 125 19.83 -1.63 -27.93
CA SER B 125 19.03 -2.64 -27.25
C SER B 125 19.76 -3.98 -27.21
N SER B 126 20.36 -4.34 -28.34
CA SER B 126 21.13 -5.58 -28.41
C SER B 126 22.28 -5.57 -27.40
N ASP B 127 23.02 -4.46 -27.32
CA ASP B 127 24.10 -4.33 -26.34
C ASP B 127 23.57 -4.47 -24.91
N LEU B 128 22.39 -3.91 -24.64
CA LEU B 128 21.84 -3.92 -23.29
C LEU B 128 21.45 -5.32 -22.86
N LEU B 129 20.81 -6.08 -23.75
CA LEU B 129 20.48 -7.47 -23.43
C LEU B 129 21.74 -8.26 -23.11
N ARG B 130 22.78 -8.13 -23.94
CA ARG B 130 24.00 -8.88 -23.72
C ARG B 130 24.64 -8.50 -22.38
N PHE B 131 24.62 -7.22 -22.04
CA PHE B 131 25.13 -6.77 -20.75
C PHE B 131 24.41 -7.46 -19.59
N TYR B 132 23.08 -7.41 -19.57
CA TYR B 132 22.33 -8.08 -18.49
C TYR B 132 22.41 -9.60 -18.57
N GLN B 133 22.47 -10.17 -19.78
CA GLN B 133 22.58 -11.63 -19.88
C GLN B 133 23.92 -12.14 -19.36
N ASN B 134 24.98 -11.34 -19.48
CA ASN B 134 26.32 -11.71 -19.06
C ASN B 134 26.61 -11.35 -17.61
N TRP B 135 25.79 -10.53 -16.99
CA TRP B 135 26.06 -10.08 -15.63
C TRP B 135 26.02 -11.25 -14.65
N GLN B 136 27.01 -11.31 -13.76
CA GLN B 136 27.08 -12.35 -12.74
C GLN B 136 26.94 -11.70 -11.37
N PRO B 137 26.01 -12.14 -10.54
CA PRO B 137 25.75 -11.43 -9.28
C PRO B 137 26.88 -11.62 -8.27
N ALA B 138 27.11 -10.59 -7.47
CA ALA B 138 28.02 -10.69 -6.34
C ALA B 138 27.38 -11.36 -5.13
N TRP B 139 26.05 -11.28 -5.02
CA TRP B 139 25.33 -11.82 -3.88
C TRP B 139 23.98 -12.37 -4.37
N ALA B 140 23.30 -13.11 -3.50
CA ALA B 140 21.97 -13.59 -3.81
C ALA B 140 20.98 -12.43 -3.80
N PRO B 141 19.83 -12.57 -4.48
CA PRO B 141 18.85 -11.48 -4.48
C PRO B 141 18.30 -11.21 -3.09
N GLY B 142 18.00 -9.93 -2.83
CA GLY B 142 17.41 -9.52 -1.58
C GLY B 142 18.28 -9.68 -0.35
N THR B 143 19.61 -9.60 -0.49
CA THR B 143 20.51 -9.65 0.66
C THR B 143 21.38 -8.42 0.83
N GLN B 144 21.75 -7.75 -0.25
CA GLN B 144 22.64 -6.59 -0.17
C GLN B 144 22.10 -5.47 -1.03
N ARG B 145 22.13 -4.24 -0.50
CA ARG B 145 21.80 -3.05 -1.26
C ARG B 145 23.08 -2.45 -1.85
N LEU B 146 23.11 -2.29 -3.18
CA LEU B 146 24.22 -1.61 -3.84
C LEU B 146 23.65 -0.61 -4.82
N TYR B 147 23.76 0.67 -4.48
CA TYR B 147 23.22 1.73 -5.33
C TYR B 147 23.68 1.54 -6.78
N ALA B 148 22.73 1.55 -7.71
CA ALA B 148 23.06 1.17 -9.10
C ALA B 148 22.09 1.79 -10.10
N ASN B 149 22.65 2.51 -11.09
CA ASN B 149 21.84 2.95 -12.22
C ASN B 149 21.34 1.78 -13.04
N SER B 150 22.17 0.73 -13.18
CA SER B 150 21.74 -0.40 -13.98
C SER B 150 20.61 -1.17 -13.30
N SER B 151 20.34 -0.90 -12.03
CA SER B 151 19.23 -1.55 -11.32
C SER B 151 17.92 -0.78 -11.50
N ILE B 152 17.85 0.42 -10.92
CA ILE B 152 16.62 1.19 -11.03
C ILE B 152 16.37 1.63 -12.47
N GLY B 153 17.44 1.80 -13.26
CA GLY B 153 17.25 2.12 -14.66
C GLY B 153 16.47 1.04 -15.39
N LEU B 154 16.81 -0.24 -15.15
CA LEU B 154 16.06 -1.31 -15.79
C LEU B 154 14.64 -1.42 -15.23
N PHE B 155 14.44 -1.12 -13.94
CA PHE B 155 13.09 -1.12 -13.39
C PHE B 155 12.20 -0.13 -14.13
N GLY B 156 12.69 1.09 -14.32
CA GLY B 156 11.88 2.08 -15.02
C GLY B 156 11.55 1.67 -16.44
N ALA B 157 12.52 1.11 -17.16
CA ALA B 157 12.28 0.70 -18.54
C ALA B 157 11.25 -0.43 -18.61
N LEU B 158 11.32 -1.38 -17.69
CA LEU B 158 10.38 -2.50 -17.72
C LEU B 158 9.01 -2.12 -17.14
N ALA B 159 8.98 -1.21 -16.18
CA ALA B 159 7.73 -0.78 -15.57
C ALA B 159 6.74 -0.22 -16.60
N VAL B 160 7.23 0.42 -17.65
CA VAL B 160 6.33 1.04 -18.62
C VAL B 160 5.98 0.11 -19.78
N LYS B 161 6.59 -1.09 -19.84
CA LYS B 161 6.34 -1.99 -20.98
C LYS B 161 4.86 -2.35 -21.15
N PRO B 162 4.13 -2.79 -20.12
CA PRO B 162 2.72 -3.13 -20.34
C PRO B 162 1.87 -2.00 -20.92
N SER B 163 2.16 -0.75 -20.56
CA SER B 163 1.43 0.40 -21.06
C SER B 163 1.64 0.64 -22.55
N GLY B 164 2.70 0.07 -23.13
CA GLY B 164 3.04 0.32 -24.51
C GLY B 164 3.71 1.66 -24.77
N LEU B 165 3.70 2.57 -23.81
CA LEU B 165 4.31 3.88 -24.00
C LEU B 165 5.83 3.82 -23.80
N SER B 166 6.54 4.70 -24.50
CA SER B 166 7.95 4.88 -24.19
C SER B 166 8.09 5.44 -22.78
N PHE B 167 9.29 5.31 -22.21
CA PHE B 167 9.49 5.79 -20.85
C PHE B 167 9.24 7.29 -20.76
N GLU B 168 9.71 8.05 -21.74
CA GLU B 168 9.52 9.50 -21.70
C GLU B 168 8.05 9.87 -21.82
N GLN B 169 7.31 9.20 -22.72
CA GLN B 169 5.89 9.50 -22.85
C GLN B 169 5.12 9.10 -21.61
N ALA B 170 5.44 7.95 -21.00
CA ALA B 170 4.76 7.56 -19.77
C ALA B 170 5.00 8.59 -18.68
N MET B 171 6.26 9.02 -18.53
CA MET B 171 6.60 10.02 -17.52
C MET B 171 5.89 11.34 -17.79
N GLN B 172 5.87 11.79 -19.05
CA GLN B 172 5.21 13.04 -19.38
C GLN B 172 3.71 12.98 -19.06
N THR B 173 3.04 11.94 -19.55
CA THR B 173 1.58 11.93 -19.44
C THR B 173 1.06 11.42 -18.10
N ARG B 174 1.85 10.64 -17.36
CA ARG B 174 1.36 10.08 -16.11
C ARG B 174 1.89 10.80 -14.88
N VAL B 175 2.98 11.57 -15.01
CA VAL B 175 3.57 12.22 -13.83
C VAL B 175 3.70 13.73 -14.04
N PHE B 176 4.45 14.16 -15.06
CA PHE B 176 4.69 15.58 -15.25
C PHE B 176 3.38 16.35 -15.45
N GLN B 177 2.54 15.88 -16.40
CA GLN B 177 1.35 16.63 -16.77
C GLN B 177 0.30 16.67 -15.67
N PRO B 178 -0.08 15.56 -15.03
CA PRO B 178 -1.09 15.68 -13.95
C PRO B 178 -0.65 16.60 -12.83
N LEU B 179 0.66 16.69 -12.57
CA LEU B 179 1.18 17.56 -11.53
C LEU B 179 1.52 18.94 -12.04
N LYS B 180 1.29 19.20 -13.34
CA LYS B 180 1.51 20.51 -13.94
C LYS B 180 2.97 20.94 -13.83
N LEU B 181 3.88 19.98 -14.01
CA LEU B 181 5.31 20.29 -14.09
C LEU B 181 5.58 20.69 -15.54
N ASN B 182 5.26 21.95 -15.86
CA ASN B 182 5.25 22.43 -17.24
C ASN B 182 6.63 22.79 -17.76
N HIS B 183 7.66 22.82 -16.92
CA HIS B 183 9.02 23.11 -17.35
C HIS B 183 9.98 22.03 -16.87
N THR B 184 9.53 20.79 -16.95
CA THR B 184 10.30 19.62 -16.56
C THR B 184 10.38 18.69 -17.76
N TRP B 185 11.59 18.23 -18.09
CA TRP B 185 11.83 17.58 -19.36
C TRP B 185 12.87 16.47 -19.20
N ILE B 186 12.64 15.36 -19.90
CA ILE B 186 13.72 14.38 -20.06
C ILE B 186 14.63 14.80 -21.21
N ASN B 187 14.04 15.32 -22.28
CA ASN B 187 14.77 15.94 -23.39
C ASN B 187 14.33 17.39 -23.50
N VAL B 188 15.26 18.30 -23.27
CA VAL B 188 14.95 19.73 -23.25
C VAL B 188 14.65 20.17 -24.68
N PRO B 189 13.49 20.75 -24.94
CA PRO B 189 13.15 21.13 -26.32
C PRO B 189 13.87 22.42 -26.70
N PRO B 190 13.98 22.72 -28.00
CA PRO B 190 14.65 23.96 -28.41
C PRO B 190 14.12 25.22 -27.75
N ALA B 191 12.81 25.32 -27.49
CA ALA B 191 12.26 26.54 -26.88
C ALA B 191 12.77 26.78 -25.46
N GLU B 192 13.23 25.75 -24.77
CA GLU B 192 13.70 25.90 -23.40
C GLU B 192 15.21 26.03 -23.30
N GLU B 193 15.94 25.87 -24.41
CA GLU B 193 17.41 25.88 -24.34
C GLU B 193 17.94 27.15 -23.69
N LYS B 194 17.28 28.29 -23.94
CA LYS B 194 17.77 29.55 -23.39
C LYS B 194 17.63 29.61 -21.87
N ASN B 195 16.79 28.76 -21.28
CA ASN B 195 16.67 28.64 -19.83
C ASN B 195 17.47 27.47 -19.26
N TYR B 196 18.10 26.68 -20.11
CA TYR B 196 18.83 25.50 -19.68
C TYR B 196 20.20 25.91 -19.15
N ALA B 197 20.40 25.80 -17.84
CA ALA B 197 21.67 26.17 -17.24
C ALA B 197 22.80 25.31 -17.79
N TRP B 198 24.00 25.89 -17.85
CA TRP B 198 25.20 25.10 -18.04
C TRP B 198 25.68 24.56 -16.71
N GLY B 199 26.16 23.33 -16.71
CA GLY B 199 26.86 22.78 -15.56
C GLY B 199 28.32 23.13 -15.65
N TYR B 200 29.00 23.20 -14.51
CA TYR B 200 30.40 23.62 -14.48
C TYR B 200 31.23 22.60 -13.72
N ARG B 201 32.21 22.03 -14.41
CA ARG B 201 33.11 21.02 -13.89
C ARG B 201 34.52 21.46 -14.23
N GLU B 202 35.30 21.82 -13.21
CA GLU B 202 36.64 22.40 -13.40
C GLU B 202 36.57 23.56 -14.39
N GLY B 203 35.63 24.48 -14.14
CA GLY B 203 35.45 25.67 -14.94
C GLY B 203 34.85 25.50 -16.32
N LYS B 204 34.77 24.28 -16.83
CA LYS B 204 34.24 24.03 -18.17
C LYS B 204 32.73 23.85 -18.11
N ALA B 205 32.01 24.58 -18.97
CA ALA B 205 30.56 24.41 -19.09
C ALA B 205 30.23 23.05 -19.70
N VAL B 206 29.40 22.26 -19.02
CA VAL B 206 29.07 20.91 -19.48
C VAL B 206 27.58 20.64 -19.29
N HIS B 207 27.07 19.74 -20.13
CA HIS B 207 25.74 19.16 -19.98
C HIS B 207 25.90 17.65 -19.91
N VAL B 208 24.90 16.98 -19.31
CA VAL B 208 24.99 15.53 -19.12
C VAL B 208 25.11 14.84 -20.47
N SER B 209 25.91 13.76 -20.52
CA SER B 209 26.14 12.95 -21.72
C SER B 209 25.01 11.93 -21.91
N PRO B 210 24.59 11.66 -23.15
CA PRO B 210 23.65 10.56 -23.36
C PRO B 210 24.25 9.23 -22.95
N GLY B 211 23.37 8.30 -22.60
CA GLY B 211 23.79 6.99 -22.13
C GLY B 211 22.59 6.09 -22.06
N ALA B 212 22.86 4.78 -22.07
CA ALA B 212 21.78 3.81 -21.98
C ALA B 212 21.07 3.94 -20.64
N LEU B 213 19.73 3.92 -20.68
CA LEU B 213 18.90 4.06 -19.49
C LEU B 213 19.16 5.39 -18.79
N ASP B 214 19.59 6.42 -19.53
CA ASP B 214 19.85 7.71 -18.89
C ASP B 214 18.55 8.38 -18.46
N ALA B 215 17.49 8.29 -19.27
CA ALA B 215 16.22 8.88 -18.89
C ALA B 215 15.73 8.30 -17.57
N GLU B 216 15.90 6.99 -17.39
CA GLU B 216 15.35 6.32 -16.22
C GLU B 216 16.16 6.60 -14.96
N ALA B 217 17.48 6.76 -15.08
CA ALA B 217 18.34 6.83 -13.90
C ALA B 217 18.81 8.24 -13.55
N TYR B 218 18.95 9.15 -14.53
CA TYR B 218 19.50 10.46 -14.21
C TYR B 218 19.18 11.53 -15.25
N GLY B 219 18.07 11.38 -15.97
CA GLY B 219 17.79 12.21 -17.13
C GLY B 219 16.86 13.41 -17.00
N VAL B 220 16.35 13.72 -15.81
CA VAL B 220 15.34 14.78 -15.68
C VAL B 220 16.02 16.13 -15.49
N LYS B 221 15.53 17.14 -16.20
CA LYS B 221 15.89 18.54 -15.99
C LYS B 221 14.62 19.30 -15.58
N SER B 222 14.75 20.18 -14.59
CA SER B 222 13.58 20.84 -14.03
C SER B 222 13.96 22.21 -13.48
N THR B 223 12.94 23.01 -13.19
CA THR B 223 13.12 24.33 -12.59
C THR B 223 12.87 24.25 -11.08
N ILE B 224 13.27 25.32 -10.38
CA ILE B 224 13.05 25.34 -8.94
C ILE B 224 11.55 25.38 -8.64
N GLU B 225 10.75 25.98 -9.52
CA GLU B 225 9.31 26.05 -9.29
C GLU B 225 8.67 24.67 -9.46
N ASP B 226 9.02 23.97 -10.55
CA ASP B 226 8.50 22.62 -10.75
C ASP B 226 8.95 21.68 -9.64
N MET B 227 10.19 21.83 -9.18
CA MET B 227 10.65 20.94 -8.11
C MET B 227 9.97 21.25 -6.78
N ALA B 228 9.64 22.51 -6.51
CA ALA B 228 8.81 22.80 -5.33
C ALA B 228 7.46 22.12 -5.45
N ARG B 229 6.85 22.17 -6.63
CA ARG B 229 5.61 21.45 -6.84
C ARG B 229 5.79 19.96 -6.62
N TRP B 230 6.92 19.41 -7.10
CA TRP B 230 7.21 17.99 -6.88
C TRP B 230 7.30 17.66 -5.38
N VAL B 231 7.97 18.51 -4.59
CA VAL B 231 8.01 18.24 -3.16
C VAL B 231 6.62 18.35 -2.55
N GLN B 232 5.86 19.39 -2.91
CA GLN B 232 4.51 19.53 -2.39
C GLN B 232 3.67 18.29 -2.72
N SER B 233 3.89 17.72 -3.91
CA SER B 233 3.10 16.57 -4.33
C SER B 233 3.45 15.34 -3.51
N ASN B 234 4.72 15.18 -3.17
CA ASN B 234 5.15 14.05 -2.36
C ASN B 234 4.93 14.30 -0.88
N LEU B 235 4.76 15.57 -0.48
CA LEU B 235 4.48 15.92 0.92
C LEU B 235 3.04 15.56 1.28
N LYS B 236 2.09 15.86 0.39
CA LYS B 236 0.68 15.57 0.64
C LYS B 236 0.06 14.95 -0.60
N PRO B 237 0.32 13.67 -0.86
CA PRO B 237 -0.22 13.02 -2.06
C PRO B 237 -1.75 13.01 -2.11
N LEU B 238 -2.44 13.13 -0.98
CA LEU B 238 -3.88 13.05 -1.01
C LEU B 238 -4.50 14.26 -1.73
N ASP B 239 -3.73 15.33 -1.88
CA ASP B 239 -4.15 16.49 -2.65
C ASP B 239 -4.26 16.23 -4.15
N ILE B 240 -3.75 15.10 -4.63
CA ILE B 240 -3.63 14.83 -6.06
C ILE B 240 -4.90 14.14 -6.55
N ASN B 241 -5.44 14.62 -7.68
CA ASN B 241 -6.73 14.16 -8.18
C ASN B 241 -6.64 12.81 -8.88
N GLU B 242 -5.56 12.55 -9.62
CA GLU B 242 -5.42 11.28 -10.33
C GLU B 242 -5.13 10.16 -9.33
N LYS B 243 -6.07 9.22 -9.23
CA LYS B 243 -6.07 8.24 -8.15
C LYS B 243 -4.81 7.36 -8.18
N THR B 244 -4.42 6.87 -9.35
CA THR B 244 -3.27 5.96 -9.41
C THR B 244 -1.96 6.70 -9.12
N LEU B 245 -1.90 7.99 -9.42
CA LEU B 245 -0.69 8.75 -9.12
C LEU B 245 -0.59 9.02 -7.63
N GLN B 246 -1.72 9.35 -7.01
CA GLN B 246 -1.75 9.50 -5.57
C GLN B 246 -1.27 8.22 -4.89
N GLN B 247 -1.74 7.06 -5.38
CA GLN B 247 -1.30 5.79 -4.82
C GLN B 247 0.16 5.51 -5.14
N GLY B 248 0.61 5.87 -6.35
CA GLY B 248 1.99 5.63 -6.72
C GLY B 248 2.96 6.41 -5.86
N ILE B 249 2.60 7.65 -5.52
CA ILE B 249 3.44 8.46 -4.63
C ILE B 249 3.54 7.83 -3.25
N GLN B 250 2.44 7.35 -2.72
CA GLN B 250 2.47 6.68 -1.43
C GLN B 250 3.27 5.39 -1.51
N LEU B 251 3.18 4.66 -2.63
CA LEU B 251 3.94 3.41 -2.76
C LEU B 251 5.44 3.66 -2.80
N ALA B 252 5.85 4.78 -3.41
CA ALA B 252 7.27 5.11 -3.51
C ALA B 252 7.87 5.48 -2.16
N GLN B 253 7.06 5.89 -1.19
CA GLN B 253 7.53 6.17 0.17
C GLN B 253 7.28 5.01 1.12
N SER B 254 6.79 3.88 0.65
CA SER B 254 6.74 2.71 1.51
C SER B 254 8.16 2.25 1.84
N ARG B 255 8.32 1.61 3.00
CA ARG B 255 9.63 1.14 3.45
C ARG B 255 9.78 -0.34 3.14
N TYR B 256 10.62 -0.67 2.15
CA TYR B 256 10.77 -2.05 1.67
C TYR B 256 11.93 -2.79 2.31
N TRP B 257 13.02 -2.09 2.62
CA TRP B 257 14.25 -2.63 3.17
C TRP B 257 14.77 -1.65 4.19
N GLN B 258 15.46 -2.17 5.19
CA GLN B 258 16.17 -1.34 6.15
C GLN B 258 17.66 -1.71 6.13
N THR B 259 18.51 -0.68 6.11
CA THR B 259 19.92 -0.83 6.43
C THR B 259 20.29 0.26 7.41
N GLY B 260 20.71 -0.13 8.61
CA GLY B 260 21.02 0.87 9.61
C GLY B 260 19.76 1.63 9.99
N ASP B 261 19.83 2.96 9.97
CA ASP B 261 18.67 3.79 10.27
C ASP B 261 17.98 4.30 9.00
N MET B 262 18.30 3.75 7.84
CA MET B 262 17.74 4.18 6.56
C MET B 262 16.83 3.11 5.99
N TYR B 263 15.72 3.54 5.38
CA TYR B 263 14.76 2.66 4.73
C TYR B 263 14.72 2.99 3.24
N GLN B 264 14.70 1.95 2.40
CA GLN B 264 14.68 2.16 0.96
C GLN B 264 13.24 2.15 0.44
N GLY B 265 12.83 3.24 -0.19
CA GLY B 265 11.58 3.31 -0.94
C GLY B 265 11.83 3.02 -2.40
N LEU B 266 10.94 3.53 -3.25
CA LEU B 266 11.13 3.49 -4.70
C LEU B 266 11.71 4.83 -5.09
N GLY B 267 13.02 4.88 -5.33
CA GLY B 267 13.64 6.17 -5.57
C GLY B 267 13.95 6.94 -4.30
N TRP B 268 12.91 7.25 -3.52
CA TRP B 268 13.11 7.94 -2.25
C TRP B 268 13.81 7.04 -1.23
N GLU B 269 14.55 7.68 -0.33
CA GLU B 269 15.11 7.05 0.87
C GLU B 269 14.56 7.78 2.09
N MET B 270 14.39 7.06 3.19
CA MET B 270 13.66 7.60 4.33
C MET B 270 14.35 7.23 5.63
N LEU B 271 14.25 8.13 6.60
CA LEU B 271 14.67 7.88 7.98
C LEU B 271 13.57 8.35 8.91
N ASP B 272 13.52 7.75 10.10
CA ASP B 272 12.55 8.20 11.09
C ASP B 272 12.87 9.61 11.55
N TRP B 273 11.83 10.44 11.71
CA TRP B 273 12.00 11.78 12.27
C TRP B 273 11.62 11.79 13.75
N PRO B 274 12.40 12.43 14.63
CA PRO B 274 13.58 13.24 14.34
C PRO B 274 14.77 12.38 13.95
N VAL B 275 15.60 12.90 13.07
CA VAL B 275 16.77 12.19 12.58
C VAL B 275 17.99 12.65 13.33
N ASN B 276 18.94 11.75 13.48
CA ASN B 276 20.29 12.14 13.85
C ASN B 276 20.96 12.82 12.66
N PRO B 277 21.28 14.11 12.73
CA PRO B 277 21.81 14.80 11.54
C PRO B 277 23.16 14.26 11.08
N ASP B 278 24.05 13.89 12.00
CA ASP B 278 25.32 13.32 11.58
C ASP B 278 25.12 12.05 10.76
N SER B 279 24.03 11.32 11.01
CA SER B 279 23.79 10.10 10.27
C SER B 279 23.47 10.37 8.79
N ILE B 280 22.54 11.30 8.51
CA ILE B 280 22.25 11.59 7.11
C ILE B 280 23.38 12.37 6.45
N ILE B 281 24.06 13.24 7.21
CA ILE B 281 25.18 14.00 6.63
C ILE B 281 26.31 13.07 6.23
N ASN B 282 26.84 12.30 7.19
CA ASN B 282 27.92 11.37 6.88
C ASN B 282 27.46 10.26 5.94
N GLY B 283 26.22 9.81 6.09
CA GLY B 283 25.69 8.76 5.24
C GLY B 283 25.55 9.14 3.78
N SER B 284 25.52 10.44 3.49
CA SER B 284 25.40 10.90 2.11
C SER B 284 26.74 10.96 1.37
N ASP B 285 27.86 10.88 2.10
CA ASP B 285 29.16 10.77 1.46
C ASP B 285 29.22 9.51 0.63
N ASN B 286 29.75 9.62 -0.60
CA ASN B 286 29.71 8.51 -1.54
C ASN B 286 30.51 7.30 -1.10
N LYS B 287 31.46 7.47 -0.17
CA LYS B 287 32.15 6.28 0.31
C LYS B 287 31.21 5.37 1.08
N ILE B 288 30.15 5.93 1.67
CA ILE B 288 29.10 5.14 2.31
C ILE B 288 27.93 4.91 1.37
N ALA B 289 27.45 5.99 0.74
CA ALA B 289 26.24 5.92 -0.07
C ALA B 289 26.37 4.93 -1.22
N LEU B 290 27.57 4.75 -1.77
CA LEU B 290 27.77 3.83 -2.88
C LEU B 290 28.35 2.48 -2.46
N ALA B 291 28.48 2.22 -1.17
CA ALA B 291 29.00 0.94 -0.71
C ALA B 291 27.87 -0.06 -0.51
N ALA B 292 28.19 -1.34 -0.69
CA ALA B 292 27.21 -2.39 -0.41
C ALA B 292 26.91 -2.44 1.08
N ARG B 293 25.63 -2.67 1.41
CA ARG B 293 25.19 -2.76 2.80
C ARG B 293 24.15 -3.85 2.90
N PRO B 294 24.20 -4.68 3.96
CA PRO B 294 23.18 -5.72 4.11
C PRO B 294 21.83 -5.09 4.40
N VAL B 295 20.78 -5.71 3.87
CA VAL B 295 19.42 -5.21 4.07
C VAL B 295 18.61 -6.27 4.79
N LYS B 296 17.71 -5.82 5.65
CA LYS B 296 16.67 -6.64 6.24
C LYS B 296 15.36 -6.32 5.53
N ALA B 297 14.68 -7.35 5.04
CA ALA B 297 13.38 -7.13 4.41
C ALA B 297 12.38 -6.65 5.43
N ILE B 298 11.51 -5.74 5.01
CA ILE B 298 10.41 -5.29 5.85
C ILE B 298 9.16 -6.00 5.31
N THR B 299 8.70 -7.00 6.05
CA THR B 299 7.73 -7.98 5.52
C THR B 299 6.44 -7.91 6.31
N PRO B 300 5.39 -7.27 5.78
CA PRO B 300 5.31 -6.57 4.49
C PRO B 300 5.81 -5.12 4.62
N PRO B 301 5.95 -4.39 3.51
CA PRO B 301 6.50 -3.03 3.59
C PRO B 301 5.62 -2.12 4.42
N THR B 302 6.27 -1.27 5.21
CA THR B 302 5.52 -0.29 6.01
C THR B 302 5.00 0.81 5.09
N PRO B 303 3.70 1.14 5.16
CA PRO B 303 3.21 2.27 4.37
C PRO B 303 3.91 3.55 4.79
N ALA B 304 3.95 4.50 3.86
CA ALA B 304 4.60 5.79 4.06
C ALA B 304 4.38 6.36 5.47
N VAL B 305 5.48 6.57 6.17
CA VAL B 305 5.45 7.07 7.55
C VAL B 305 5.50 8.60 7.49
N ARG B 306 4.51 9.25 8.10
CA ARG B 306 4.46 10.72 8.08
C ARG B 306 5.65 11.32 8.83
N ALA B 307 6.02 10.74 9.97
CA ALA B 307 7.14 11.25 10.77
C ALA B 307 8.44 10.69 10.22
N SER B 308 8.79 11.15 9.02
CA SER B 308 9.99 10.72 8.31
C SER B 308 10.72 11.92 7.74
N TRP B 309 12.05 11.79 7.67
CA TRP B 309 12.88 12.58 6.78
C TRP B 309 12.98 11.78 5.47
N VAL B 310 12.44 12.34 4.39
CA VAL B 310 12.43 11.69 3.08
C VAL B 310 13.35 12.48 2.18
N HIS B 311 14.27 11.82 1.48
CA HIS B 311 15.24 12.63 0.76
C HIS B 311 15.91 11.85 -0.36
N LYS B 312 16.66 12.58 -1.18
CA LYS B 312 17.44 12.02 -2.28
C LYS B 312 18.48 13.05 -2.72
N THR B 313 19.74 12.63 -2.77
CA THR B 313 20.79 13.43 -3.39
C THR B 313 20.87 13.12 -4.88
N GLY B 314 21.38 14.07 -5.65
CA GLY B 314 21.55 13.84 -7.08
C GLY B 314 22.71 14.64 -7.61
N ALA B 315 23.37 14.10 -8.64
CA ALA B 315 24.44 14.83 -9.29
C ALA B 315 24.51 14.42 -10.75
N THR B 316 25.05 15.30 -11.58
CA THR B 316 25.65 14.94 -12.86
C THR B 316 27.08 15.49 -12.86
N GLY B 317 27.74 15.41 -14.01
CA GLY B 317 29.07 15.99 -14.13
C GLY B 317 29.14 17.43 -13.66
N GLY B 318 28.16 18.25 -14.03
CA GLY B 318 28.25 19.65 -13.70
C GLY B 318 27.17 20.19 -12.77
N PHE B 319 26.43 19.31 -12.10
CA PHE B 319 25.30 19.76 -11.28
C PHE B 319 25.25 18.98 -9.99
N GLY B 320 24.63 19.58 -8.98
CA GLY B 320 24.39 18.90 -7.72
C GLY B 320 23.06 19.31 -7.15
N SER B 321 22.26 18.35 -6.71
CA SER B 321 20.90 18.64 -6.32
C SER B 321 20.59 17.91 -5.02
N TYR B 322 19.59 18.40 -4.30
CA TYR B 322 19.13 17.73 -3.09
C TYR B 322 17.68 18.10 -2.83
N VAL B 323 16.92 17.11 -2.36
CA VAL B 323 15.52 17.29 -2.02
C VAL B 323 15.31 16.59 -0.69
N ALA B 324 14.65 17.26 0.26
CA ALA B 324 14.33 16.63 1.53
C ALA B 324 13.00 17.18 2.01
N PHE B 325 12.20 16.32 2.66
CA PHE B 325 10.94 16.84 3.21
C PHE B 325 10.50 15.97 4.37
N ILE B 326 9.64 16.56 5.20
CA ILE B 326 9.11 15.90 6.38
C ILE B 326 7.59 15.96 6.30
N PRO B 327 6.91 14.87 5.90
CA PRO B 327 5.46 14.98 5.66
C PRO B 327 4.68 15.46 6.87
N GLU B 328 5.00 14.93 8.07
CA GLU B 328 4.28 15.31 9.28
C GLU B 328 4.27 16.82 9.53
N LYS B 329 5.28 17.54 9.04
CA LYS B 329 5.42 18.96 9.33
C LYS B 329 5.10 19.86 8.14
N GLU B 330 4.72 19.28 7.00
CA GLU B 330 4.44 20.04 5.79
C GLU B 330 5.62 20.94 5.45
N LEU B 331 6.82 20.36 5.52
CA LEU B 331 8.08 21.10 5.47
C LEU B 331 9.02 20.43 4.46
N GLY B 332 9.64 21.22 3.58
CA GLY B 332 10.58 20.60 2.66
C GLY B 332 11.49 21.62 2.02
N ILE B 333 12.52 21.12 1.33
CA ILE B 333 13.52 21.98 0.69
C ILE B 333 13.99 21.34 -0.60
N VAL B 334 14.25 22.18 -1.60
CA VAL B 334 14.93 21.79 -2.83
C VAL B 334 16.15 22.69 -3.02
N MET B 335 17.29 22.09 -3.33
CA MET B 335 18.53 22.83 -3.57
C MET B 335 19.12 22.39 -4.90
N LEU B 336 19.14 23.29 -5.87
CA LEU B 336 19.67 23.03 -7.22
C LEU B 336 20.85 23.94 -7.49
N ALA B 337 21.97 23.37 -7.89
CA ALA B 337 23.20 24.11 -8.16
C ALA B 337 23.80 23.62 -9.48
N ASN B 338 24.42 24.53 -10.24
CA ASN B 338 25.13 24.09 -11.45
C ASN B 338 26.60 23.86 -11.21
N LYS B 339 26.92 23.20 -10.11
CA LYS B 339 28.22 22.63 -9.83
C LYS B 339 28.00 21.40 -8.95
N ASN B 340 28.74 20.34 -9.23
CA ASN B 340 28.67 19.12 -8.41
C ASN B 340 29.62 19.25 -7.22
N TYR B 341 29.09 19.64 -6.08
CA TYR B 341 29.84 19.77 -4.84
C TYR B 341 29.45 18.66 -3.87
N PRO B 342 30.29 18.38 -2.85
CA PRO B 342 30.09 17.16 -2.04
C PRO B 342 28.72 17.07 -1.38
N ASN B 343 28.18 15.86 -1.37
CA ASN B 343 26.86 15.60 -0.77
C ASN B 343 26.75 16.08 0.68
N PRO B 344 27.69 15.78 1.59
CA PRO B 344 27.49 16.20 2.98
C PRO B 344 27.27 17.70 3.14
N ALA B 345 27.85 18.52 2.26
CA ALA B 345 27.64 19.96 2.35
C ALA B 345 26.19 20.33 2.03
N ARG B 346 25.56 19.64 1.07
CA ARG B 346 24.16 19.94 0.76
C ARG B 346 23.26 19.50 1.90
N VAL B 347 23.49 18.29 2.42
CA VAL B 347 22.61 17.77 3.45
C VAL B 347 22.75 18.58 4.73
N ASP B 348 23.97 19.00 5.06
CA ASP B 348 24.17 19.80 6.27
C ASP B 348 23.43 21.13 6.17
N ALA B 349 23.54 21.80 5.03
CA ALA B 349 22.80 23.03 4.81
C ALA B 349 21.29 22.80 4.90
N ALA B 350 20.80 21.70 4.31
CA ALA B 350 19.37 21.44 4.33
C ALA B 350 18.89 21.13 5.74
N TRP B 351 19.69 20.39 6.51
CA TRP B 351 19.31 20.12 7.90
C TRP B 351 19.26 21.41 8.70
N GLN B 352 20.27 22.27 8.55
CA GLN B 352 20.29 23.57 9.24
C GLN B 352 18.98 24.32 9.01
N ILE B 353 18.54 24.40 7.75
CA ILE B 353 17.37 25.19 7.43
C ILE B 353 16.11 24.53 7.99
N LEU B 354 15.90 23.24 7.69
CA LEU B 354 14.63 22.62 8.08
C LEU B 354 14.54 22.45 9.59
N ASN B 355 15.66 22.13 10.24
CA ASN B 355 15.66 22.03 11.70
C ASN B 355 15.31 23.35 12.34
N ALA B 356 15.71 24.48 11.74
CA ALA B 356 15.36 25.79 12.29
C ALA B 356 13.88 26.07 12.18
N LEU B 357 13.25 25.61 11.10
CA LEU B 357 11.86 25.96 10.82
C LEU B 357 10.89 24.93 11.36
N GLN B 358 11.39 23.77 11.79
CA GLN B 358 10.57 22.66 12.23
C GLN B 358 9.78 22.99 13.48
C15 H7G C . -16.05 -20.80 11.49
C17 H7G C . -16.54 -21.13 9.15
C20 H7G C . -17.34 -19.17 10.29
C22 H7G C . -19.59 -19.16 15.34
C02 H7G C . -22.09 -19.76 17.90
C04 H7G C . -20.61 -19.91 17.51
C05 H7G C . -20.31 -20.12 16.03
C06 H7G C . -20.75 -21.25 15.37
C07 H7G C . -20.48 -21.44 14.02
C08 H7G C . -19.75 -20.46 13.33
C09 H7G C . -19.30 -19.33 13.99
C14 H7G C . -16.75 -19.61 11.47
C16 H7G C . -15.95 -21.56 10.33
C18 H7G C . -17.23 -19.93 9.14
N10 H7G C . -18.57 -18.30 13.28
O01 H7G C . -22.40 -19.71 19.13
O03 H7G C . -23.03 -19.70 17.05
O12 H7G C . -16.21 -17.31 12.72
O13 H7G C . -16.29 -19.16 14.15
O21 H7G C . -18.06 -17.96 10.27
S11 H7G C . -16.91 -18.58 12.96
CL1 H7G C . -18.00 -19.35 7.63
C15 H7G D . 26.07 8.16 -9.73
C17 H7G D . 26.31 9.02 -7.46
C20 H7G D . 24.72 9.98 -8.99
C22 H7G D . 25.69 11.24 -14.27
C02 H7G D . 27.28 12.99 -17.07
C04 H7G D . 26.98 11.64 -16.41
C05 H7G D . 26.87 11.65 -14.88
C06 H7G D . 27.95 12.05 -14.11
C07 H7G D . 27.85 12.06 -12.73
C08 H7G D . 26.68 11.65 -12.11
C09 H7G D . 25.59 11.25 -12.89
C14 H7G D . 25.08 9.10 -9.99
C16 H7G D . 26.68 8.14 -8.47
C18 H7G D . 25.32 9.97 -7.74
N10 H7G D . 24.35 10.82 -12.22
O01 H7G D . 27.30 14.06 -16.41
O03 H7G D . 27.51 13.01 -18.32
O12 H7G D . 22.82 8.89 -11.34
O13 H7G D . 24.61 8.26 -12.59
O21 H7G D . 23.72 10.94 -9.26
S11 H7G D . 24.21 9.25 -11.57
CL1 H7G D . 24.75 11.17 -6.54
#